data_5CK5
#
_entry.id   5CK5
#
_cell.length_a   64.100
_cell.length_b   137.970
_cell.length_c   64.310
_cell.angle_alpha   90.00
_cell.angle_beta   93.12
_cell.angle_gamma   90.00
#
_symmetry.space_group_name_H-M   'P 1 21 1'
#
loop_
_entity.id
_entity.type
_entity.pdbx_description
1 polymer 'Putative signal recognition particle protein'
2 non-polymer "GUANOSINE-5'-DIPHOSPHATE"
3 non-polymer 'MAGNESIUM ION'
4 water water
#
_entity_poly.entity_id   1
_entity_poly.type   'polypeptide(L)'
_entity_poly.pdbx_seq_one_letter_code
;MKHHHHHHPMGATTQYTTLPSVLLIGPSGAGKTALLTLFERGPLLNPDGTSVGAADLKNPYRKPIVTSPVAQTHTSQVPT
SVELAVGANEDGTPTSYKVDLDAAGATARKFLLIDTPGHPKLRGTTLQHLLNPSPSLTIIPTNAPNKKTSTDSHSDPYKS
KLKAVIFLLDAAALADSDGDYLSQTASYLYDVLLSLQKRFHSRKNSRAPSSIPVLIAANKQDLFTAVPASLVKSRLEHEL
GRIRKTRQKGLLEASVTSEDEIRADDEEGWLGAVGSKEFKFEEMMEFDMEVEVMGGNVIGDGPGAERWWRWIGERI
;
_entity_poly.pdbx_strand_id   A,B,C,D
#
# COMPACT_ATOMS: atom_id res chain seq x y z
N TYR A 16 -31.90 -49.84 -8.23
CA TYR A 16 -32.92 -48.89 -8.65
C TYR A 16 -32.38 -47.46 -8.63
N THR A 17 -33.00 -46.62 -9.44
CA THR A 17 -32.58 -45.24 -9.64
C THR A 17 -33.76 -44.29 -9.47
N THR A 18 -33.48 -42.99 -9.38
CA THR A 18 -34.53 -42.03 -9.13
C THR A 18 -34.37 -40.84 -10.05
N LEU A 19 -35.25 -39.85 -9.88
CA LEU A 19 -35.23 -38.62 -10.65
C LEU A 19 -33.91 -37.90 -10.41
N PRO A 20 -33.42 -37.15 -11.40
CA PRO A 20 -32.16 -36.44 -11.12
C PRO A 20 -32.37 -35.40 -10.04
N SER A 21 -31.32 -35.03 -9.32
CA SER A 21 -31.50 -34.13 -8.19
C SER A 21 -30.65 -32.85 -8.35
N VAL A 22 -31.11 -31.78 -7.73
CA VAL A 22 -30.44 -30.50 -7.77
C VAL A 22 -29.92 -30.18 -6.40
N LEU A 23 -28.61 -29.97 -6.30
CA LEU A 23 -28.01 -29.64 -5.02
C LEU A 23 -28.28 -28.20 -4.65
N LEU A 24 -28.97 -28.05 -3.53
CA LEU A 24 -29.30 -26.77 -2.97
C LEU A 24 -28.29 -26.50 -1.88
N ILE A 25 -27.41 -25.55 -2.12
CA ILE A 25 -26.36 -25.27 -1.18
C ILE A 25 -26.32 -23.78 -0.89
N GLY A 26 -25.79 -23.41 0.25
CA GLY A 26 -25.67 -22.03 0.62
C GLY A 26 -25.45 -21.95 2.12
N PRO A 27 -25.14 -20.75 2.62
CA PRO A 27 -24.82 -20.49 4.03
C PRO A 27 -26.00 -20.66 4.97
N SER A 28 -25.76 -20.69 6.27
CA SER A 28 -26.87 -20.71 7.21
C SER A 28 -27.73 -19.48 6.97
N GLY A 29 -29.05 -19.61 7.06
CA GLY A 29 -29.90 -18.45 7.02
C GLY A 29 -30.26 -17.89 5.66
N ALA A 30 -30.00 -18.64 4.61
CA ALA A 30 -30.29 -18.22 3.25
C ALA A 30 -31.75 -18.47 2.91
N GLY A 31 -32.29 -19.53 3.51
CA GLY A 31 -33.65 -19.94 3.26
C GLY A 31 -33.63 -21.27 2.55
N LYS A 32 -32.63 -22.10 2.84
CA LYS A 32 -32.49 -23.35 2.10
C LYS A 32 -33.64 -24.22 2.48
N THR A 33 -33.74 -24.44 3.79
CA THR A 33 -34.75 -25.25 4.43
C THR A 33 -36.16 -24.71 4.13
N ALA A 34 -36.33 -23.40 4.08
CA ALA A 34 -37.58 -22.79 3.66
C ALA A 34 -37.99 -23.15 2.22
N LEU A 35 -37.06 -22.99 1.27
CA LEU A 35 -37.31 -23.23 -0.16
C LEU A 35 -37.70 -24.66 -0.47
N LEU A 36 -37.20 -25.58 0.32
CA LEU A 36 -37.46 -26.98 0.07
C LEU A 36 -38.93 -27.24 0.26
N THR A 37 -39.44 -26.75 1.39
CA THR A 37 -40.84 -26.92 1.74
C THR A 37 -41.75 -26.38 0.68
N LEU A 38 -41.40 -25.21 0.17
CA LEU A 38 -42.16 -24.65 -0.94
C LEU A 38 -42.07 -25.54 -2.16
N PHE A 39 -40.86 -26.01 -2.43
CA PHE A 39 -40.64 -26.91 -3.53
C PHE A 39 -41.47 -28.14 -3.29
N GLU A 40 -41.38 -28.64 -2.07
CA GLU A 40 -42.06 -29.84 -1.66
C GLU A 40 -43.57 -29.65 -1.59
N ARG A 41 -43.99 -28.51 -1.08
CA ARG A 41 -45.42 -28.27 -0.93
C ARG A 41 -46.00 -27.75 -2.24
N GLY A 42 -45.12 -27.49 -3.18
CA GLY A 42 -45.52 -27.11 -4.52
C GLY A 42 -45.98 -25.68 -4.60
N THR A 95 -21.97 -39.29 3.99
CA THR A 95 -23.35 -39.00 4.34
C THR A 95 -24.29 -39.09 3.15
N SER A 96 -25.37 -39.82 3.37
CA SER A 96 -26.49 -39.93 2.45
C SER A 96 -27.55 -38.90 2.78
N TYR A 97 -28.57 -38.82 1.93
CA TYR A 97 -29.63 -37.83 2.10
C TYR A 97 -31.01 -38.47 2.21
N LYS A 98 -31.86 -37.95 3.10
CA LYS A 98 -33.11 -38.63 3.47
C LYS A 98 -34.40 -37.94 2.97
N VAL A 99 -34.52 -37.73 1.66
CA VAL A 99 -35.70 -37.04 1.13
C VAL A 99 -36.95 -37.89 0.87
N ASP A 100 -38.11 -37.34 1.17
CA ASP A 100 -39.37 -37.98 0.78
C ASP A 100 -39.72 -37.71 -0.68
N LEU A 101 -39.90 -38.79 -1.45
CA LEU A 101 -40.17 -38.75 -2.91
C LEU A 101 -41.61 -38.28 -3.25
N ASP A 102 -42.16 -37.43 -2.41
CA ASP A 102 -43.58 -37.01 -2.49
C ASP A 102 -43.99 -35.95 -3.52
N ALA A 103 -45.31 -35.84 -3.65
CA ALA A 103 -46.07 -34.90 -4.50
C ALA A 103 -45.32 -33.96 -5.44
N ALA A 104 -45.07 -32.74 -4.96
CA ALA A 104 -44.66 -31.63 -5.82
C ALA A 104 -43.44 -31.91 -6.70
N GLY A 105 -42.44 -32.59 -6.16
CA GLY A 105 -41.28 -32.91 -6.97
C GLY A 105 -41.73 -33.99 -7.93
N ALA A 106 -42.40 -35.00 -7.40
CA ALA A 106 -42.85 -36.13 -8.18
C ALA A 106 -43.90 -35.75 -9.23
N THR A 107 -44.99 -35.17 -8.76
CA THR A 107 -46.17 -34.94 -9.60
C THR A 107 -45.96 -33.98 -10.77
N ALA A 108 -45.03 -33.05 -10.63
CA ALA A 108 -44.93 -32.02 -11.65
C ALA A 108 -43.50 -31.63 -11.95
N ARG A 109 -42.65 -31.61 -10.94
CA ARG A 109 -41.31 -31.09 -11.16
C ARG A 109 -40.33 -32.07 -11.74
N LYS A 110 -40.65 -33.36 -11.68
CA LYS A 110 -39.81 -34.44 -12.20
C LYS A 110 -38.30 -34.30 -11.86
N PHE A 111 -38.00 -33.66 -10.72
CA PHE A 111 -36.66 -33.73 -10.13
C PHE A 111 -36.73 -33.52 -8.62
N LEU A 112 -35.64 -33.82 -7.93
CA LEU A 112 -35.58 -33.69 -6.49
C LEU A 112 -34.74 -32.50 -6.07
N LEU A 113 -35.17 -31.80 -5.02
CA LEU A 113 -34.39 -30.70 -4.48
C LEU A 113 -33.74 -31.15 -3.18
N ILE A 114 -32.42 -31.14 -3.16
CA ILE A 114 -31.68 -31.67 -2.01
C ILE A 114 -31.00 -30.61 -1.16
N ASP A 115 -31.46 -30.57 0.08
CA ASP A 115 -31.05 -29.63 1.11
C ASP A 115 -29.73 -30.00 1.80
N THR A 116 -28.99 -28.98 2.20
CA THR A 116 -27.73 -29.18 2.87
C THR A 116 -27.71 -28.42 4.22
N PRO A 117 -26.71 -28.69 5.08
CA PRO A 117 -26.47 -27.86 6.27
C PRO A 117 -25.76 -26.57 5.93
N GLY A 118 -25.99 -25.52 6.70
CA GLY A 118 -25.38 -24.24 6.36
C GLY A 118 -23.97 -24.03 6.89
N HIS A 119 -23.67 -24.64 8.03
CA HIS A 119 -22.42 -24.40 8.72
C HIS A 119 -21.18 -24.77 7.92
N PRO A 120 -20.10 -23.97 8.08
CA PRO A 120 -18.76 -24.18 7.51
C PRO A 120 -18.13 -25.54 7.79
N LYS A 121 -18.28 -26.08 9.00
CA LYS A 121 -17.69 -27.36 9.41
C LYS A 121 -18.19 -28.49 8.52
N LEU A 122 -19.33 -28.23 7.88
CA LEU A 122 -20.05 -29.25 7.18
C LEU A 122 -20.05 -29.11 5.67
N ARG A 123 -19.28 -28.15 5.16
CA ARG A 123 -19.33 -27.85 3.73
C ARG A 123 -18.61 -28.90 2.89
N GLY A 124 -17.65 -29.60 3.50
CA GLY A 124 -16.83 -30.57 2.80
C GLY A 124 -17.64 -31.62 2.07
N THR A 125 -18.57 -32.27 2.76
CA THR A 125 -19.40 -33.31 2.12
C THR A 125 -20.14 -32.82 0.88
N THR A 126 -20.54 -31.57 0.91
CA THR A 126 -21.21 -30.95 -0.20
C THR A 126 -20.20 -30.74 -1.31
N LEU A 127 -19.01 -30.31 -0.91
CA LEU A 127 -17.97 -30.05 -1.88
C LEU A 127 -17.51 -31.30 -2.56
N GLN A 128 -17.45 -32.42 -1.85
CA GLN A 128 -16.99 -33.65 -2.48
C GLN A 128 -17.80 -34.05 -3.71
N HIS A 129 -19.11 -33.87 -3.61
CA HIS A 129 -19.98 -34.31 -4.68
C HIS A 129 -19.56 -33.58 -5.95
N LEU A 130 -19.02 -32.37 -5.77
CA LEU A 130 -18.68 -31.49 -6.87
C LEU A 130 -17.36 -31.81 -7.58
N LEU A 131 -16.48 -32.55 -6.93
CA LEU A 131 -15.24 -32.97 -7.57
C LEU A 131 -15.53 -34.05 -8.59
N ASN A 132 -16.43 -34.96 -8.22
CA ASN A 132 -16.77 -36.14 -8.99
C ASN A 132 -17.20 -35.87 -10.43
N PRO A 133 -16.58 -36.54 -11.42
CA PRO A 133 -16.94 -36.36 -12.84
C PRO A 133 -18.38 -36.77 -13.19
N SER A 134 -18.87 -37.82 -12.54
CA SER A 134 -20.26 -38.21 -12.72
C SER A 134 -20.89 -38.39 -11.36
N PRO A 135 -21.42 -37.30 -10.81
CA PRO A 135 -21.90 -37.32 -9.43
C PRO A 135 -23.24 -38.01 -9.32
N SER A 136 -23.38 -38.92 -8.37
CA SER A 136 -24.68 -39.52 -8.09
C SER A 136 -24.90 -39.46 -6.59
N LEU A 137 -26.13 -39.13 -6.20
CA LEU A 137 -26.45 -38.96 -4.79
C LEU A 137 -27.25 -40.10 -4.26
N THR A 138 -26.83 -40.58 -3.10
CA THR A 138 -27.49 -41.69 -2.45
C THR A 138 -28.59 -41.15 -1.53
N ILE A 139 -29.82 -41.54 -1.82
CA ILE A 139 -30.98 -40.96 -1.14
C ILE A 139 -31.81 -42.02 -0.37
N ILE A 140 -32.44 -41.64 0.75
CA ILE A 140 -33.25 -42.57 1.54
C ILE A 140 -34.68 -42.05 1.66
N PRO A 141 -35.61 -42.62 0.88
CA PRO A 141 -36.99 -42.10 0.80
C PRO A 141 -37.82 -42.34 2.05
N THR A 142 -38.89 -41.55 2.20
CA THR A 142 -39.81 -41.68 3.33
C THR A 142 -41.26 -41.51 2.89
N SER A 155 -32.78 -48.04 4.52
CA SER A 155 -33.65 -49.13 4.03
C SER A 155 -33.31 -49.53 2.61
N ASP A 156 -33.97 -48.90 1.66
CA ASP A 156 -33.76 -49.18 0.25
C ASP A 156 -33.05 -47.99 -0.40
N PRO A 157 -31.72 -48.06 -0.50
CA PRO A 157 -30.94 -46.93 -1.02
C PRO A 157 -31.12 -46.72 -2.53
N TYR A 158 -31.19 -45.46 -2.96
CA TYR A 158 -31.22 -45.11 -4.38
C TYR A 158 -29.98 -44.34 -4.83
N LYS A 159 -29.91 -44.07 -6.13
CA LYS A 159 -28.93 -43.15 -6.70
C LYS A 159 -29.67 -42.16 -7.55
N SER A 160 -29.20 -40.92 -7.51
CA SER A 160 -29.81 -39.82 -8.23
C SER A 160 -28.73 -39.05 -8.98
N LYS A 161 -28.87 -38.98 -10.30
CA LYS A 161 -27.92 -38.23 -11.11
C LYS A 161 -27.91 -36.75 -10.75
N LEU A 162 -26.75 -36.24 -10.33
CA LEU A 162 -26.67 -34.83 -10.02
C LEU A 162 -26.56 -34.11 -11.34
N LYS A 163 -27.55 -33.26 -11.64
CA LYS A 163 -27.60 -32.62 -12.95
C LYS A 163 -27.51 -31.10 -12.84
N ALA A 164 -27.69 -30.57 -11.64
CA ALA A 164 -27.65 -29.12 -11.44
C ALA A 164 -27.33 -28.72 -10.01
N VAL A 165 -27.19 -27.42 -9.78
CA VAL A 165 -26.90 -26.88 -8.45
C VAL A 165 -27.66 -25.58 -8.23
N ILE A 166 -28.28 -25.40 -7.06
CA ILE A 166 -28.87 -24.10 -6.73
C ILE A 166 -28.11 -23.45 -5.59
N PHE A 167 -27.41 -22.35 -5.86
CA PHE A 167 -26.75 -21.61 -4.79
C PHE A 167 -27.60 -20.44 -4.23
N LEU A 168 -28.16 -20.69 -3.06
CA LEU A 168 -29.08 -19.79 -2.39
C LEU A 168 -28.40 -18.89 -1.40
N LEU A 169 -28.70 -17.60 -1.44
CA LEU A 169 -28.16 -16.68 -0.45
C LEU A 169 -29.20 -15.65 -0.03
N ASP A 170 -29.01 -15.08 1.15
CA ASP A 170 -29.89 -14.04 1.63
C ASP A 170 -29.44 -12.71 1.05
N ALA A 171 -30.26 -12.14 0.18
CA ALA A 171 -29.92 -10.89 -0.50
C ALA A 171 -30.08 -9.66 0.39
N ALA A 172 -30.85 -9.78 1.46
CA ALA A 172 -31.02 -8.68 2.41
C ALA A 172 -29.80 -8.51 3.29
N ALA A 173 -29.30 -9.61 3.83
CA ALA A 173 -28.11 -9.61 4.68
C ALA A 173 -26.89 -9.13 3.89
N LEU A 174 -26.95 -9.31 2.59
CA LEU A 174 -25.86 -8.93 1.71
C LEU A 174 -25.69 -7.41 1.68
N ALA A 175 -26.75 -6.70 2.00
CA ALA A 175 -26.79 -5.25 1.86
C ALA A 175 -26.01 -4.52 2.94
N ASP A 176 -25.61 -5.24 3.97
CA ASP A 176 -24.98 -4.58 5.09
C ASP A 176 -23.68 -3.95 4.67
N SER A 177 -23.46 -2.75 5.20
CA SER A 177 -22.35 -1.92 4.77
C SER A 177 -21.02 -2.56 5.12
N ASP A 178 -20.94 -3.26 6.26
CA ASP A 178 -19.67 -3.82 6.73
C ASP A 178 -19.00 -4.76 5.72
N GLY A 179 -19.81 -5.41 4.89
CA GLY A 179 -19.33 -6.23 3.80
C GLY A 179 -18.95 -7.64 4.22
N ASP A 180 -19.30 -7.99 5.45
CA ASP A 180 -18.96 -9.27 6.03
C ASP A 180 -19.72 -10.44 5.43
N TYR A 181 -21.00 -10.22 5.13
CA TYR A 181 -21.83 -11.27 4.57
C TYR A 181 -21.28 -11.70 3.22
N LEU A 182 -20.94 -10.72 2.40
CA LEU A 182 -20.43 -10.94 1.07
C LEU A 182 -19.16 -11.76 1.09
N SER A 183 -18.35 -11.58 2.12
CA SER A 183 -17.06 -12.24 2.17
C SER A 183 -17.13 -13.73 2.47
N GLN A 184 -17.91 -14.10 3.48
CA GLN A 184 -18.08 -15.47 3.88
C GLN A 184 -18.82 -16.23 2.78
N THR A 185 -19.80 -15.53 2.22
CA THR A 185 -20.65 -16.03 1.17
C THR A 185 -19.94 -16.19 -0.18
N ALA A 186 -19.09 -15.24 -0.53
CA ALA A 186 -18.33 -15.40 -1.74
C ALA A 186 -17.32 -16.52 -1.57
N SER A 187 -16.85 -16.78 -0.35
CA SER A 187 -15.90 -17.87 -0.13
C SER A 187 -16.53 -19.23 -0.38
N TYR A 188 -17.75 -19.43 0.13
CA TYR A 188 -18.47 -20.66 -0.10
C TYR A 188 -18.68 -20.85 -1.60
N LEU A 189 -19.12 -19.78 -2.24
CA LEU A 189 -19.41 -19.77 -3.67
C LEU A 189 -18.19 -20.05 -4.53
N TYR A 190 -17.03 -19.63 -4.04
CA TYR A 190 -15.79 -19.83 -4.77
C TYR A 190 -15.50 -21.31 -4.92
N ASP A 191 -15.54 -22.01 -3.80
CA ASP A 191 -15.20 -23.41 -3.73
C ASP A 191 -16.17 -24.28 -4.52
N VAL A 192 -17.40 -23.81 -4.63
CA VAL A 192 -18.42 -24.47 -5.42
C VAL A 192 -18.05 -24.46 -6.89
N LEU A 193 -17.75 -23.29 -7.41
CA LEU A 193 -17.47 -23.12 -8.82
C LEU A 193 -16.12 -23.69 -9.20
N LEU A 194 -15.17 -23.58 -8.30
CA LEU A 194 -13.84 -24.12 -8.50
C LEU A 194 -13.83 -25.63 -8.41
N SER A 195 -14.68 -26.20 -7.55
CA SER A 195 -14.79 -27.65 -7.44
C SER A 195 -15.27 -28.20 -8.76
N LEU A 196 -16.28 -27.55 -9.28
CA LEU A 196 -16.84 -27.90 -10.57
C LEU A 196 -15.81 -27.63 -11.66
N GLN A 197 -14.96 -26.65 -11.43
CA GLN A 197 -13.91 -26.30 -12.38
C GLN A 197 -12.84 -27.38 -12.45
N LYS A 198 -12.49 -27.92 -11.29
CA LYS A 198 -11.56 -29.02 -11.21
C LYS A 198 -12.18 -30.24 -11.83
N ARG A 199 -13.48 -30.39 -11.62
CA ARG A 199 -14.19 -31.55 -12.12
C ARG A 199 -14.22 -31.62 -13.65
N PHE A 200 -14.32 -30.45 -14.28
CA PHE A 200 -14.27 -30.36 -15.73
C PHE A 200 -12.91 -30.67 -16.33
N HIS A 201 -11.87 -30.17 -15.69
CA HIS A 201 -10.52 -30.41 -16.15
C HIS A 201 -10.18 -31.86 -15.89
N SER A 202 -10.29 -32.26 -14.63
CA SER A 202 -10.05 -33.63 -14.21
C SER A 202 -10.66 -34.66 -15.15
N ARG A 203 -9.82 -35.24 -15.98
CA ARG A 203 -10.25 -36.26 -16.93
C ARG A 203 -9.20 -37.33 -17.03
N LYS A 204 -9.38 -38.37 -16.21
CA LYS A 204 -8.59 -39.58 -16.31
C LYS A 204 -9.50 -40.58 -16.98
N ASN A 205 -10.79 -40.22 -16.99
CA ASN A 205 -11.73 -40.71 -17.98
C ASN A 205 -11.65 -39.72 -19.13
N SER A 206 -11.53 -40.20 -20.37
CA SER A 206 -11.10 -39.32 -21.43
C SER A 206 -12.20 -38.39 -21.94
N ARG A 207 -13.45 -38.78 -21.77
CA ARG A 207 -14.55 -37.93 -22.22
C ARG A 207 -14.72 -36.73 -21.29
N ALA A 208 -15.40 -35.69 -21.75
CA ALA A 208 -15.67 -34.53 -20.90
C ALA A 208 -16.80 -34.84 -19.93
N PRO A 209 -16.75 -34.24 -18.74
CA PRO A 209 -17.85 -34.54 -17.82
C PRO A 209 -19.08 -33.73 -18.21
N SER A 210 -20.26 -34.24 -17.86
CA SER A 210 -21.56 -33.61 -18.18
C SER A 210 -21.75 -32.23 -17.56
N SER A 211 -22.36 -31.31 -18.30
CA SER A 211 -22.58 -29.96 -17.78
C SER A 211 -23.54 -29.97 -16.58
N ILE A 212 -23.10 -29.40 -15.48
CA ILE A 212 -23.92 -29.18 -14.28
C ILE A 212 -23.99 -27.69 -13.94
N PRO A 213 -25.07 -27.00 -14.36
CA PRO A 213 -25.18 -25.56 -14.13
C PRO A 213 -25.46 -25.20 -12.68
N VAL A 214 -24.98 -24.03 -12.28
CA VAL A 214 -25.23 -23.53 -10.95
C VAL A 214 -26.12 -22.32 -11.05
N LEU A 215 -27.20 -22.31 -10.32
CA LEU A 215 -28.06 -21.15 -10.27
C LEU A 215 -27.87 -20.36 -8.98
N ILE A 216 -27.39 -19.12 -9.08
CA ILE A 216 -27.15 -18.31 -7.89
C ILE A 216 -28.40 -17.50 -7.57
N ALA A 217 -29.19 -18.02 -6.64
CA ALA A 217 -30.51 -17.49 -6.35
C ALA A 217 -30.49 -16.49 -5.23
N ALA A 218 -30.75 -15.24 -5.56
CA ALA A 218 -30.75 -14.20 -4.56
C ALA A 218 -32.11 -14.12 -3.88
N ASN A 219 -32.21 -14.73 -2.71
CA ASN A 219 -33.48 -14.88 -2.01
C ASN A 219 -33.85 -13.64 -1.23
N LYS A 220 -35.09 -13.65 -0.73
CA LYS A 220 -35.66 -12.63 0.14
C LYS A 220 -35.83 -11.31 -0.56
N GLN A 221 -36.28 -11.36 -1.81
CA GLN A 221 -36.49 -10.14 -2.61
C GLN A 221 -37.75 -9.38 -2.19
N ASP A 222 -38.52 -9.93 -1.27
CA ASP A 222 -39.69 -9.27 -0.73
C ASP A 222 -39.37 -8.19 0.30
N LEU A 223 -38.19 -8.27 0.90
CA LEU A 223 -37.77 -7.26 1.85
C LEU A 223 -37.35 -6.05 1.09
N PHE A 224 -37.71 -4.87 1.59
CA PHE A 224 -37.39 -3.64 0.90
C PHE A 224 -35.88 -3.40 0.80
N THR A 225 -35.17 -3.89 1.82
CA THR A 225 -33.73 -3.73 1.94
C THR A 225 -32.90 -4.72 1.11
N ALA A 226 -33.57 -5.70 0.53
CA ALA A 226 -32.90 -6.74 -0.27
C ALA A 226 -32.25 -6.18 -1.54
N VAL A 227 -31.01 -6.61 -1.78
CA VAL A 227 -30.22 -6.24 -2.95
C VAL A 227 -30.76 -6.88 -4.24
N PRO A 228 -31.02 -6.07 -5.28
CA PRO A 228 -31.57 -6.57 -6.53
C PRO A 228 -30.57 -7.49 -7.23
N ALA A 229 -31.07 -8.37 -8.11
CA ALA A 229 -30.27 -9.45 -8.62
C ALA A 229 -29.07 -8.97 -9.41
N SER A 230 -29.19 -7.81 -10.05
CA SER A 230 -28.10 -7.29 -10.89
C SER A 230 -26.90 -6.78 -10.09
N LEU A 231 -27.17 -6.30 -8.88
CA LEU A 231 -26.14 -5.88 -7.94
C LEU A 231 -25.46 -7.07 -7.29
N VAL A 232 -26.27 -8.05 -6.89
CA VAL A 232 -25.82 -9.32 -6.36
C VAL A 232 -24.82 -9.97 -7.29
N LYS A 233 -25.17 -9.96 -8.58
CA LYS A 233 -24.32 -10.54 -9.60
C LYS A 233 -22.98 -9.85 -9.63
N SER A 234 -23.01 -8.53 -9.63
CA SER A 234 -21.81 -7.73 -9.71
C SER A 234 -20.96 -7.79 -8.46
N ARG A 235 -21.60 -7.82 -7.30
CA ARG A 235 -20.90 -7.86 -6.03
C ARG A 235 -20.15 -9.14 -5.83
N LEU A 236 -20.73 -10.25 -6.25
CA LEU A 236 -20.09 -11.54 -6.08
C LEU A 236 -18.87 -11.67 -6.94
N GLU A 237 -18.95 -11.18 -8.18
CA GLU A 237 -17.86 -11.26 -9.13
C GLU A 237 -16.65 -10.52 -8.61
N HIS A 238 -16.92 -9.37 -8.00
CA HIS A 238 -15.84 -8.54 -7.55
C HIS A 238 -15.15 -9.17 -6.37
N GLU A 239 -15.90 -9.87 -5.55
CA GLU A 239 -15.30 -10.52 -4.40
C GLU A 239 -14.61 -11.80 -4.81
N LEU A 240 -15.23 -12.55 -5.70
CA LEU A 240 -14.65 -13.82 -6.12
C LEU A 240 -13.37 -13.51 -6.92
N GLY A 241 -13.38 -12.41 -7.64
CA GLY A 241 -12.20 -11.94 -8.34
C GLY A 241 -11.16 -11.44 -7.35
N ARG A 242 -11.62 -10.82 -6.27
CA ARG A 242 -10.72 -10.42 -5.20
C ARG A 242 -10.10 -11.61 -4.53
N ILE A 243 -10.88 -12.66 -4.39
CA ILE A 243 -10.43 -13.88 -3.75
C ILE A 243 -9.32 -14.58 -4.54
N ARG A 244 -9.53 -14.76 -5.83
CA ARG A 244 -8.53 -15.43 -6.66
C ARG A 244 -7.29 -14.57 -6.79
N LYS A 245 -7.44 -13.26 -6.65
CA LYS A 245 -6.28 -12.38 -6.73
C LYS A 245 -5.42 -12.49 -5.47
N THR A 246 -6.06 -12.45 -4.31
CA THR A 246 -5.33 -12.46 -3.06
C THR A 246 -4.61 -13.78 -2.85
N ARG A 247 -5.19 -14.85 -3.36
CA ARG A 247 -4.63 -16.18 -3.20
C ARG A 247 -3.41 -16.42 -4.10
N GLN A 248 -3.46 -15.93 -5.33
CA GLN A 248 -2.37 -16.11 -6.28
C GLN A 248 -1.15 -15.38 -5.73
N LYS A 249 -1.44 -14.42 -4.85
CA LYS A 249 -0.42 -13.66 -4.14
C LYS A 249 0.14 -14.50 -3.01
N GLY A 250 -0.29 -15.75 -2.92
CA GLY A 250 0.30 -16.66 -1.95
C GLY A 250 1.65 -17.17 -2.44
N LEU A 251 2.63 -16.26 -2.52
CA LEU A 251 4.01 -16.62 -2.84
C LEU A 251 4.93 -16.32 -1.66
N GLU A 268 -3.14 -25.94 -7.09
CA GLU A 268 -4.25 -25.36 -7.84
C GLU A 268 -5.39 -24.81 -6.97
N GLY A 269 -5.68 -23.53 -7.16
CA GLY A 269 -6.73 -22.83 -6.42
C GLY A 269 -7.27 -21.60 -7.13
N TRP A 270 -7.15 -21.56 -8.46
CA TRP A 270 -7.55 -20.38 -9.24
C TRP A 270 -8.89 -20.56 -9.90
N LEU A 271 -9.88 -19.76 -9.50
CA LEU A 271 -11.22 -19.81 -10.08
C LEU A 271 -11.33 -19.00 -11.36
N GLY A 272 -11.91 -19.60 -12.38
CA GLY A 272 -12.12 -18.90 -13.63
C GLY A 272 -10.94 -19.08 -14.56
N ALA A 273 -10.90 -18.28 -15.62
CA ALA A 273 -9.84 -18.32 -16.61
C ALA A 273 -8.52 -17.79 -16.06
N VAL A 274 -7.40 -18.30 -16.58
CA VAL A 274 -6.06 -17.93 -16.10
C VAL A 274 -5.60 -16.56 -16.61
N GLY A 275 -5.98 -16.22 -17.84
CA GLY A 275 -5.60 -14.95 -18.43
C GLY A 275 -6.57 -13.81 -18.17
N SER A 276 -7.61 -14.08 -17.40
CA SER A 276 -8.67 -13.12 -17.18
C SER A 276 -8.19 -11.97 -16.30
N LYS A 277 -8.49 -10.76 -16.76
CA LYS A 277 -8.08 -9.54 -16.12
C LYS A 277 -9.04 -9.13 -15.01
N GLU A 278 -10.34 -9.22 -15.27
CA GLU A 278 -11.31 -9.09 -14.20
C GLU A 278 -12.43 -10.11 -14.37
N PHE A 279 -12.86 -10.69 -13.24
CA PHE A 279 -13.72 -11.88 -13.21
C PHE A 279 -15.17 -11.60 -13.54
N LYS A 280 -15.73 -12.45 -14.38
CA LYS A 280 -17.13 -12.41 -14.72
C LYS A 280 -17.62 -13.85 -14.79
N PHE A 281 -18.86 -14.11 -14.40
CA PHE A 281 -19.38 -15.46 -14.40
C PHE A 281 -19.46 -16.02 -15.82
N GLU A 282 -19.54 -15.15 -16.81
CA GLU A 282 -19.64 -15.57 -18.21
C GLU A 282 -18.41 -16.33 -18.69
N GLU A 283 -17.27 -16.09 -18.05
CA GLU A 283 -16.04 -16.75 -18.45
C GLU A 283 -15.98 -18.19 -17.95
N MET A 284 -16.94 -18.57 -17.11
CA MET A 284 -17.05 -19.96 -16.68
C MET A 284 -17.62 -20.81 -17.81
N MET A 285 -18.12 -20.17 -18.86
CA MET A 285 -18.59 -20.89 -20.04
C MET A 285 -17.47 -21.68 -20.71
N GLU A 286 -16.24 -21.25 -20.49
CA GLU A 286 -15.09 -21.93 -21.06
C GLU A 286 -14.87 -23.32 -20.49
N PHE A 287 -15.52 -23.63 -19.36
CA PHE A 287 -15.50 -24.99 -18.81
C PHE A 287 -16.88 -25.68 -18.88
N ASP A 288 -17.74 -25.27 -19.81
CA ASP A 288 -19.06 -25.89 -20.01
C ASP A 288 -19.91 -25.88 -18.73
N MET A 289 -19.73 -24.84 -17.94
CA MET A 289 -20.57 -24.64 -16.79
C MET A 289 -21.29 -23.30 -16.90
N GLU A 290 -22.61 -23.35 -16.78
CA GLU A 290 -23.40 -22.15 -16.86
C GLU A 290 -23.75 -21.65 -15.48
N VAL A 291 -23.36 -20.42 -15.20
CA VAL A 291 -23.67 -19.79 -13.94
C VAL A 291 -24.45 -18.51 -14.20
N GLU A 292 -25.61 -18.38 -13.53
CA GLU A 292 -26.52 -17.25 -13.72
C GLU A 292 -27.10 -16.79 -12.39
N VAL A 293 -27.14 -15.49 -12.16
CA VAL A 293 -27.75 -14.95 -10.92
C VAL A 293 -29.19 -14.53 -11.16
N MET A 294 -30.08 -14.99 -10.29
CA MET A 294 -31.49 -14.74 -10.44
C MET A 294 -32.14 -14.44 -9.10
N GLY A 295 -32.93 -13.37 -9.04
CA GLY A 295 -33.61 -12.99 -7.82
C GLY A 295 -34.96 -13.67 -7.64
N GLY A 296 -35.41 -13.76 -6.39
CA GLY A 296 -36.71 -14.30 -6.09
C GLY A 296 -36.96 -14.38 -4.59
N ASN A 297 -38.09 -14.91 -4.18
CA ASN A 297 -38.35 -15.04 -2.75
C ASN A 297 -39.27 -16.20 -2.48
N VAL A 298 -39.17 -16.71 -1.26
CA VAL A 298 -39.95 -17.86 -0.82
C VAL A 298 -41.19 -17.45 -0.05
N ILE A 299 -41.07 -16.48 0.85
CA ILE A 299 -42.21 -16.00 1.58
C ILE A 299 -42.38 -14.52 1.33
N GLY A 300 -43.59 -14.01 1.49
CA GLY A 300 -43.83 -12.59 1.33
C GLY A 300 -44.17 -12.22 -0.10
N ASP A 301 -44.15 -10.92 -0.38
CA ASP A 301 -44.57 -10.39 -1.68
C ASP A 301 -43.39 -10.10 -2.59
N GLY A 302 -43.33 -10.81 -3.72
CA GLY A 302 -42.30 -10.54 -4.69
C GLY A 302 -42.29 -11.48 -5.86
N PRO A 303 -41.14 -11.58 -6.54
CA PRO A 303 -40.90 -12.33 -7.78
C PRO A 303 -41.33 -13.79 -7.72
N GLY A 304 -41.25 -14.39 -6.54
CA GLY A 304 -41.57 -15.80 -6.38
C GLY A 304 -40.38 -16.69 -6.68
N ALA A 305 -40.62 -17.99 -6.77
CA ALA A 305 -39.58 -18.97 -6.98
C ALA A 305 -39.69 -19.74 -8.28
N GLU A 306 -40.77 -19.57 -9.00
CA GLU A 306 -40.97 -20.36 -10.19
C GLU A 306 -39.98 -20.07 -11.30
N ARG A 307 -39.52 -18.83 -11.38
CA ARG A 307 -38.51 -18.49 -12.35
C ARG A 307 -37.30 -19.39 -12.14
N TRP A 308 -36.99 -19.63 -10.87
CA TRP A 308 -35.88 -20.48 -10.52
C TRP A 308 -36.06 -21.89 -11.07
N TRP A 309 -37.15 -22.50 -10.67
CA TRP A 309 -37.44 -23.85 -11.07
C TRP A 309 -37.54 -23.96 -12.58
N ARG A 310 -38.08 -22.94 -13.23
CA ARG A 310 -38.16 -22.93 -14.68
C ARG A 310 -36.74 -22.94 -15.30
N TRP A 311 -35.80 -22.21 -14.70
CA TRP A 311 -34.40 -22.20 -15.13
C TRP A 311 -33.83 -23.59 -15.03
N ILE A 312 -34.09 -24.17 -13.87
CA ILE A 312 -33.58 -25.49 -13.57
C ILE A 312 -34.17 -26.52 -14.48
N GLY A 313 -35.48 -26.65 -14.48
CA GLY A 313 -36.14 -27.65 -15.31
C GLY A 313 -35.81 -27.52 -16.79
N GLU A 314 -35.51 -26.30 -17.22
CA GLU A 314 -35.07 -26.05 -18.60
C GLU A 314 -33.67 -26.60 -18.80
N ARG A 315 -32.96 -26.85 -17.69
CA ARG A 315 -31.59 -27.34 -17.75
C ARG A 315 -31.32 -28.75 -17.22
N ILE A 316 -32.36 -29.55 -16.99
CA ILE A 316 -32.12 -30.95 -16.66
C ILE A 316 -33.06 -31.84 -17.49
N THR B 14 -20.51 33.51 -5.09
CA THR B 14 -19.66 33.82 -3.95
C THR B 14 -20.38 33.50 -2.64
N GLN B 15 -21.67 33.23 -2.73
CA GLN B 15 -22.47 32.96 -1.53
C GLN B 15 -23.02 31.56 -1.56
N TYR B 16 -22.75 30.86 -2.64
CA TYR B 16 -23.30 29.53 -2.79
C TYR B 16 -22.38 28.48 -2.18
N THR B 17 -22.96 27.37 -1.72
CA THR B 17 -22.16 26.33 -1.12
C THR B 17 -22.65 25.00 -1.64
N THR B 18 -21.83 23.97 -1.51
CA THR B 18 -22.22 22.65 -1.96
C THR B 18 -21.61 21.60 -1.02
N LEU B 19 -21.70 20.31 -1.37
CA LEU B 19 -21.20 19.21 -0.53
C LEU B 19 -19.74 19.34 -0.17
N PRO B 20 -19.34 18.86 1.02
CA PRO B 20 -17.92 18.98 1.40
C PRO B 20 -17.07 18.17 0.42
N SER B 21 -15.80 18.52 0.25
CA SER B 21 -15.04 17.84 -0.77
C SER B 21 -13.76 17.19 -0.24
N VAL B 22 -13.32 16.17 -0.96
CA VAL B 22 -12.09 15.48 -0.64
C VAL B 22 -11.11 15.74 -1.79
N LEU B 23 -9.97 16.32 -1.45
CA LEU B 23 -8.90 16.57 -2.39
C LEU B 23 -8.08 15.30 -2.71
N LEU B 24 -8.12 14.89 -3.97
CA LEU B 24 -7.43 13.71 -4.43
C LEU B 24 -6.13 14.13 -5.04
N ILE B 25 -5.02 13.76 -4.38
CA ILE B 25 -3.71 14.16 -4.86
C ILE B 25 -2.76 12.98 -4.93
N GLY B 26 -1.72 13.16 -5.72
CA GLY B 26 -0.71 12.13 -5.90
C GLY B 26 0.12 12.38 -7.13
N PRO B 27 1.17 11.56 -7.30
CA PRO B 27 2.06 11.73 -8.44
C PRO B 27 1.32 11.43 -9.72
N SER B 28 1.86 11.80 -10.87
CA SER B 28 1.26 11.39 -12.13
C SER B 28 1.28 9.87 -12.20
N GLY B 29 0.23 9.30 -12.79
CA GLY B 29 0.21 7.87 -13.06
C GLY B 29 -0.24 7.01 -11.91
N ALA B 30 -0.77 7.64 -10.87
CA ALA B 30 -1.21 6.95 -9.68
C ALA B 30 -2.56 6.30 -9.90
N GLY B 31 -3.39 6.95 -10.71
CA GLY B 31 -4.73 6.47 -11.04
C GLY B 31 -5.81 7.40 -10.53
N LYS B 32 -5.48 8.68 -10.45
CA LYS B 32 -6.37 9.69 -9.90
C LYS B 32 -7.55 9.98 -10.81
N THR B 33 -7.25 10.36 -12.03
CA THR B 33 -8.30 10.59 -13.00
C THR B 33 -9.07 9.29 -13.17
N ALA B 34 -8.37 8.18 -13.12
CA ALA B 34 -9.01 6.89 -13.16
C ALA B 34 -10.01 6.67 -12.02
N LEU B 35 -9.57 6.93 -10.80
CA LEU B 35 -10.40 6.74 -9.62
C LEU B 35 -11.58 7.67 -9.63
N LEU B 36 -11.37 8.83 -10.21
CA LEU B 36 -12.40 9.86 -10.22
C LEU B 36 -13.60 9.43 -11.03
N THR B 37 -13.31 8.94 -12.23
CA THR B 37 -14.29 8.47 -13.20
C THR B 37 -15.17 7.41 -12.58
N LEU B 38 -14.53 6.58 -11.79
CA LEU B 38 -15.19 5.54 -11.03
C LEU B 38 -16.15 6.12 -9.95
N PHE B 39 -15.70 7.18 -9.28
CA PHE B 39 -16.46 7.83 -8.24
C PHE B 39 -17.74 8.40 -8.79
N GLU B 40 -17.60 9.22 -9.82
CA GLU B 40 -18.73 9.92 -10.41
C GLU B 40 -19.71 9.00 -11.10
N ARG B 41 -19.23 7.85 -11.59
CA ARG B 41 -20.13 6.98 -12.29
C ARG B 41 -21.06 6.36 -11.27
N GLY B 42 -20.73 6.55 -10.00
CA GLY B 42 -21.61 6.15 -8.91
C GLY B 42 -21.60 4.67 -8.64
N THR B 95 -7.73 29.59 -9.13
CA THR B 95 -7.42 28.17 -9.05
C THR B 95 -8.65 27.45 -8.49
N SER B 96 -9.76 27.59 -9.20
CA SER B 96 -10.99 26.89 -8.84
C SER B 96 -11.06 25.54 -9.53
N TYR B 97 -12.04 24.74 -9.14
CA TYR B 97 -12.18 23.40 -9.67
C TYR B 97 -13.51 23.20 -10.39
N LYS B 98 -13.49 22.43 -11.48
CA LYS B 98 -14.63 22.31 -12.39
C LYS B 98 -15.35 20.96 -12.27
N VAL B 99 -15.86 20.65 -11.08
CA VAL B 99 -16.54 19.37 -10.82
C VAL B 99 -18.03 19.31 -11.25
N ASP B 100 -18.44 18.14 -11.73
CA ASP B 100 -19.85 17.86 -11.95
C ASP B 100 -20.53 17.54 -10.62
N LEU B 101 -21.54 18.33 -10.27
CA LEU B 101 -22.26 18.19 -9.00
C LEU B 101 -23.32 17.08 -8.99
N ASP B 102 -23.92 16.84 -10.15
CA ASP B 102 -25.03 15.90 -10.27
C ASP B 102 -24.61 14.44 -10.36
N ALA B 103 -23.32 14.19 -10.58
CA ALA B 103 -22.79 12.83 -10.76
C ALA B 103 -23.22 11.84 -9.69
N ALA B 104 -23.53 10.63 -10.14
CA ALA B 104 -24.18 9.61 -9.32
C ALA B 104 -23.39 9.36 -8.06
N GLY B 105 -22.08 9.38 -8.19
CA GLY B 105 -21.20 9.13 -7.07
C GLY B 105 -21.15 10.28 -6.12
N ALA B 106 -21.04 11.47 -6.66
CA ALA B 106 -20.94 12.65 -5.84
C ALA B 106 -22.18 12.69 -4.98
N THR B 107 -23.33 12.52 -5.63
CA THR B 107 -24.64 12.63 -4.99
C THR B 107 -24.90 11.57 -3.95
N ALA B 108 -24.30 10.40 -4.09
CA ALA B 108 -24.66 9.28 -3.23
C ALA B 108 -23.78 9.19 -2.00
N ARG B 109 -22.52 9.58 -2.14
CA ARG B 109 -21.59 9.51 -1.03
C ARG B 109 -21.67 10.80 -0.20
N LYS B 110 -22.40 11.77 -0.73
CA LYS B 110 -22.56 13.11 -0.16
C LYS B 110 -21.25 13.82 0.20
N PHE B 111 -20.26 13.67 -0.69
CA PHE B 111 -19.09 14.55 -0.76
C PHE B 111 -18.62 14.64 -2.22
N LEU B 112 -17.71 15.56 -2.49
CA LEU B 112 -17.17 15.72 -3.85
C LEU B 112 -15.71 15.27 -3.91
N LEU B 113 -15.30 14.60 -4.98
CA LEU B 113 -13.90 14.19 -5.15
C LEU B 113 -13.24 15.08 -6.16
N ILE B 114 -12.22 15.80 -5.71
CA ILE B 114 -11.60 16.83 -6.52
C ILE B 114 -10.21 16.51 -7.07
N ASP B 115 -10.11 16.41 -8.38
CA ASP B 115 -8.87 16.00 -9.06
C ASP B 115 -7.84 17.11 -9.19
N THR B 116 -6.55 16.74 -9.16
CA THR B 116 -5.47 17.71 -9.31
C THR B 116 -4.56 17.36 -10.48
N PRO B 117 -3.72 18.30 -10.90
CA PRO B 117 -2.69 17.89 -11.85
C PRO B 117 -1.55 17.24 -11.08
N GLY B 118 -0.91 16.26 -11.70
CA GLY B 118 0.11 15.45 -11.04
C GLY B 118 1.51 16.03 -11.03
N HIS B 119 1.82 16.86 -12.01
CA HIS B 119 3.20 17.31 -12.19
C HIS B 119 3.73 18.04 -10.97
N PRO B 120 5.01 17.79 -10.64
CA PRO B 120 5.71 18.46 -9.54
C PRO B 120 5.62 19.95 -9.62
N LYS B 121 5.75 20.48 -10.83
CA LYS B 121 5.69 21.91 -11.06
C LYS B 121 4.31 22.46 -10.71
N LEU B 122 3.30 21.59 -10.71
CA LEU B 122 1.91 22.03 -10.56
C LEU B 122 1.34 21.68 -9.20
N ARG B 123 2.21 21.30 -8.28
CA ARG B 123 1.80 20.86 -6.95
C ARG B 123 1.45 22.01 -6.03
N GLY B 124 2.04 23.16 -6.24
CA GLY B 124 1.83 24.30 -5.35
C GLY B 124 0.38 24.69 -5.13
N THR B 125 -0.33 24.85 -6.25
CA THR B 125 -1.72 25.24 -6.28
C THR B 125 -2.55 24.31 -5.42
N THR B 126 -2.13 23.06 -5.34
CA THR B 126 -2.73 22.10 -4.43
C THR B 126 -2.33 22.28 -2.97
N LEU B 127 -1.03 22.44 -2.74
CA LEU B 127 -0.46 22.59 -1.40
C LEU B 127 -0.91 23.88 -0.79
N GLN B 128 -1.19 24.82 -1.66
CA GLN B 128 -1.66 26.11 -1.29
C GLN B 128 -2.86 25.93 -0.35
N HIS B 129 -3.73 24.99 -0.70
CA HIS B 129 -4.96 24.77 0.05
C HIS B 129 -4.70 24.21 1.42
N LEU B 130 -3.62 23.46 1.56
CA LEU B 130 -3.33 22.72 2.78
C LEU B 130 -2.80 23.61 3.88
N LEU B 131 -2.31 24.78 3.50
CA LEU B 131 -1.91 25.77 4.49
C LEU B 131 -3.09 26.50 5.15
N ASN B 132 -4.11 26.82 4.36
CA ASN B 132 -5.26 27.63 4.80
C ASN B 132 -5.95 27.05 6.02
N PRO B 133 -6.17 27.88 7.06
CA PRO B 133 -6.75 27.57 8.37
C PRO B 133 -8.18 27.05 8.34
N SER B 134 -9.00 27.58 7.44
CA SER B 134 -10.33 27.05 7.16
C SER B 134 -10.47 26.92 5.66
N PRO B 135 -10.09 25.76 5.10
CA PRO B 135 -10.01 25.59 3.65
C PRO B 135 -11.36 25.43 3.00
N SER B 136 -11.56 26.22 1.95
CA SER B 136 -12.74 26.12 1.15
C SER B 136 -12.34 26.06 -0.30
N LEU B 137 -12.99 25.19 -1.06
CA LEU B 137 -12.64 25.01 -2.43
C LEU B 137 -13.66 25.64 -3.34
N THR B 138 -13.22 26.46 -4.29
CA THR B 138 -14.15 27.15 -5.14
C THR B 138 -14.42 26.24 -6.29
N ILE B 139 -15.68 25.90 -6.49
CA ILE B 139 -16.04 24.91 -7.47
C ILE B 139 -16.97 25.49 -8.51
N ILE B 140 -16.80 25.04 -9.75
CA ILE B 140 -17.63 25.51 -10.84
C ILE B 140 -18.27 24.31 -11.51
N PRO B 141 -19.58 24.16 -11.28
CA PRO B 141 -20.38 23.00 -11.68
C PRO B 141 -20.52 22.91 -13.19
N THR B 142 -20.84 21.72 -13.67
CA THR B 142 -21.00 21.51 -15.10
C THR B 142 -22.22 20.62 -15.35
N ASN B 143 -23.04 20.47 -14.30
CA ASN B 143 -24.38 19.88 -14.37
C ASN B 143 -24.45 18.50 -14.99
N SER B 155 -24.31 31.66 -14.39
CA SER B 155 -23.83 30.64 -13.47
C SER B 155 -22.68 31.14 -12.59
N ASP B 156 -22.84 30.99 -11.28
CA ASP B 156 -21.83 31.42 -10.30
C ASP B 156 -21.12 30.25 -9.59
N PRO B 157 -19.91 30.51 -9.06
CA PRO B 157 -19.16 29.45 -8.40
C PRO B 157 -19.77 29.09 -7.04
N TYR B 158 -19.62 27.82 -6.67
CA TYR B 158 -20.01 27.38 -5.36
C TYR B 158 -18.74 27.21 -4.58
N LYS B 159 -18.87 26.93 -3.30
CA LYS B 159 -17.71 26.64 -2.49
C LYS B 159 -17.99 25.40 -1.67
N SER B 160 -16.96 24.59 -1.52
CA SER B 160 -17.05 23.30 -0.85
C SER B 160 -15.97 23.13 0.22
N LYS B 161 -16.33 23.23 1.50
CA LYS B 161 -15.35 23.10 2.57
C LYS B 161 -14.65 21.77 2.49
N LEU B 162 -13.34 21.87 2.40
CA LEU B 162 -12.45 20.74 2.20
C LEU B 162 -12.31 19.94 3.49
N LYS B 163 -12.62 18.65 3.44
CA LYS B 163 -12.63 17.91 4.68
C LYS B 163 -11.63 16.79 4.75
N ALA B 164 -11.08 16.40 3.62
CA ALA B 164 -10.14 15.28 3.62
C ALA B 164 -9.15 15.33 2.47
N VAL B 165 -8.21 14.42 2.48
CA VAL B 165 -7.21 14.35 1.43
C VAL B 165 -7.02 12.92 1.07
N ILE B 166 -7.03 12.61 -0.22
CA ILE B 166 -6.68 11.26 -0.62
C ILE B 166 -5.37 11.32 -1.34
N PHE B 167 -4.35 10.76 -0.73
CA PHE B 167 -3.08 10.68 -1.38
C PHE B 167 -2.92 9.34 -2.04
N LEU B 168 -3.02 9.37 -3.37
CA LEU B 168 -3.01 8.18 -4.17
C LEU B 168 -1.59 7.94 -4.65
N LEU B 169 -1.12 6.68 -4.61
CA LEU B 169 0.21 6.36 -5.16
C LEU B 169 0.12 5.04 -5.91
N ASP B 170 1.01 4.83 -6.87
CA ASP B 170 1.06 3.56 -7.59
C ASP B 170 1.88 2.59 -6.76
N ALA B 171 1.23 1.57 -6.22
CA ALA B 171 1.89 0.64 -5.33
C ALA B 171 2.80 -0.36 -6.07
N ALA B 172 2.53 -0.62 -7.34
CA ALA B 172 3.42 -1.49 -8.09
C ALA B 172 4.66 -0.69 -8.41
N ALA B 173 4.46 0.55 -8.83
CA ALA B 173 5.55 1.43 -9.16
C ALA B 173 6.43 1.64 -7.95
N LEU B 174 5.84 1.52 -6.78
CA LEU B 174 6.54 1.68 -5.53
C LEU B 174 7.55 0.56 -5.35
N ALA B 175 7.32 -0.55 -6.05
CA ALA B 175 8.10 -1.77 -5.93
C ALA B 175 9.43 -1.78 -6.69
N ASP B 176 9.65 -0.83 -7.59
CA ASP B 176 10.88 -0.84 -8.40
C ASP B 176 12.11 -0.67 -7.51
N SER B 177 13.16 -1.43 -7.79
CA SER B 177 14.34 -1.53 -6.91
C SER B 177 15.17 -0.25 -6.76
N ASP B 178 15.27 0.55 -7.82
CA ASP B 178 16.08 1.77 -7.80
C ASP B 178 15.61 2.70 -6.69
N GLY B 179 14.32 2.60 -6.37
CA GLY B 179 13.78 3.30 -5.21
C GLY B 179 13.41 4.71 -5.53
N ASP B 180 13.34 5.05 -6.81
CA ASP B 180 13.09 6.43 -7.23
C ASP B 180 11.66 6.86 -6.92
N TYR B 181 10.68 6.01 -7.25
CA TYR B 181 9.28 6.33 -7.03
C TYR B 181 9.00 6.52 -5.58
N LEU B 182 9.54 5.66 -4.74
CA LEU B 182 9.33 5.75 -3.31
C LEU B 182 9.74 7.10 -2.74
N SER B 183 10.84 7.64 -3.23
CA SER B 183 11.38 8.90 -2.75
C SER B 183 10.60 10.09 -3.28
N GLN B 184 10.31 10.05 -4.58
CA GLN B 184 9.57 11.11 -5.24
C GLN B 184 8.16 11.18 -4.70
N THR B 185 7.58 10.03 -4.40
CA THR B 185 6.25 10.03 -3.83
C THR B 185 6.26 10.53 -2.38
N ALA B 186 7.22 10.08 -1.59
CA ALA B 186 7.34 10.49 -0.19
C ALA B 186 7.70 11.95 -0.05
N SER B 187 8.33 12.50 -1.08
CA SER B 187 8.70 13.91 -1.13
C SER B 187 7.45 14.75 -1.21
N TYR B 188 6.52 14.31 -2.04
CA TYR B 188 5.22 14.94 -2.17
C TYR B 188 4.44 14.87 -0.86
N LEU B 189 4.36 13.67 -0.32
CA LEU B 189 3.62 13.40 0.89
C LEU B 189 4.17 14.21 2.02
N TYR B 190 5.47 14.43 2.01
CA TYR B 190 6.10 15.21 3.07
C TYR B 190 5.48 16.59 3.07
N ASP B 191 5.48 17.18 1.88
CA ASP B 191 5.00 18.53 1.71
C ASP B 191 3.51 18.63 1.98
N VAL B 192 2.79 17.55 1.75
CA VAL B 192 1.39 17.49 2.10
C VAL B 192 1.23 17.48 3.60
N LEU B 193 1.91 16.56 4.25
CA LEU B 193 1.77 16.40 5.68
C LEU B 193 2.45 17.51 6.43
N LEU B 194 3.55 18.03 5.90
CA LEU B 194 4.19 19.12 6.61
C LEU B 194 3.36 20.39 6.49
N SER B 195 2.69 20.58 5.35
CA SER B 195 1.82 21.74 5.14
C SER B 195 0.68 21.71 6.11
N LEU B 196 0.09 20.53 6.24
CA LEU B 196 -0.98 20.39 7.17
C LEU B 196 -0.46 20.63 8.58
N GLN B 197 0.77 20.23 8.84
CA GLN B 197 1.38 20.37 10.15
C GLN B 197 1.53 21.84 10.50
N LYS B 198 1.85 22.64 9.50
CA LYS B 198 1.91 24.08 9.65
C LYS B 198 0.53 24.67 9.86
N ARG B 199 -0.49 24.14 9.18
CA ARG B 199 -1.85 24.69 9.32
C ARG B 199 -2.42 24.49 10.73
N PHE B 200 -2.02 23.39 11.36
CA PHE B 200 -2.37 23.09 12.74
C PHE B 200 -1.73 24.14 13.63
N HIS B 201 -0.52 24.52 13.28
CA HIS B 201 0.18 25.56 13.99
C HIS B 201 -0.55 26.84 13.58
N SER B 202 -0.37 27.91 14.36
CA SER B 202 -1.02 29.19 14.07
C SER B 202 -2.54 29.00 14.03
N ARG B 203 -3.01 28.20 14.97
CA ARG B 203 -4.41 27.76 15.08
C ARG B 203 -5.30 27.97 13.85
N ALA B 208 -8.21 22.60 17.36
CA ALA B 208 -8.87 23.86 17.01
C ALA B 208 -9.18 23.96 15.51
N PRO B 209 -8.18 23.69 14.63
CA PRO B 209 -8.58 23.76 13.21
C PRO B 209 -9.37 22.52 12.82
N SER B 210 -10.25 22.62 11.82
CA SER B 210 -11.08 21.48 11.44
C SER B 210 -10.21 20.33 10.97
N SER B 211 -10.47 19.13 11.46
CA SER B 211 -9.65 18.00 11.09
C SER B 211 -9.77 17.67 9.61
N ILE B 212 -8.62 17.54 8.96
CA ILE B 212 -8.55 17.07 7.58
C ILE B 212 -7.66 15.84 7.54
N PRO B 213 -8.29 14.65 7.59
CA PRO B 213 -7.54 13.40 7.60
C PRO B 213 -6.92 13.10 6.26
N VAL B 214 -5.82 12.37 6.27
CA VAL B 214 -5.14 12.00 5.04
C VAL B 214 -5.26 10.50 4.80
N LEU B 215 -5.77 10.12 3.63
CA LEU B 215 -5.85 8.72 3.29
C LEU B 215 -4.76 8.40 2.33
N ILE B 216 -3.85 7.53 2.75
CA ILE B 216 -2.77 7.12 1.86
C ILE B 216 -3.26 5.90 1.16
N ALA B 217 -3.70 6.08 -0.07
CA ALA B 217 -4.35 5.03 -0.81
C ALA B 217 -3.32 4.33 -1.67
N ALA B 218 -3.03 3.08 -1.35
CA ALA B 218 -2.05 2.33 -2.11
C ALA B 218 -2.73 1.68 -3.29
N ASN B 219 -2.69 2.33 -4.46
CA ASN B 219 -3.49 1.88 -5.60
C ASN B 219 -2.85 0.76 -6.42
N LYS B 220 -3.65 0.21 -7.32
CA LYS B 220 -3.25 -0.82 -8.29
C LYS B 220 -2.93 -2.17 -7.65
N GLN B 221 -3.72 -2.54 -6.66
CA GLN B 221 -3.54 -3.80 -5.94
C GLN B 221 -4.00 -5.00 -6.78
N ASP B 222 -4.51 -4.75 -7.98
CA ASP B 222 -4.88 -5.82 -8.90
C ASP B 222 -3.65 -6.43 -9.56
N LEU B 223 -2.57 -5.67 -9.58
CA LEU B 223 -1.31 -6.14 -10.12
C LEU B 223 -0.60 -7.03 -9.14
N PHE B 224 -0.04 -8.13 -9.64
CA PHE B 224 0.70 -9.05 -8.80
C PHE B 224 1.95 -8.37 -8.24
N THR B 225 2.50 -7.40 -8.97
CA THR B 225 3.73 -6.73 -8.55
C THR B 225 3.57 -5.74 -7.42
N ALA B 226 2.31 -5.48 -7.06
CA ALA B 226 1.95 -4.45 -6.10
C ALA B 226 2.46 -4.68 -4.69
N VAL B 227 3.01 -3.62 -4.10
CA VAL B 227 3.39 -3.62 -2.71
C VAL B 227 2.15 -3.58 -1.82
N PRO B 228 2.02 -4.51 -0.88
CA PRO B 228 0.86 -4.45 0.00
C PRO B 228 0.89 -3.22 0.89
N ALA B 229 -0.29 -2.82 1.35
CA ALA B 229 -0.47 -1.56 2.03
C ALA B 229 0.31 -1.48 3.34
N SER B 230 0.56 -2.62 3.98
CA SER B 230 1.29 -2.71 5.26
C SER B 230 2.76 -2.41 5.11
N LEU B 231 3.29 -2.74 3.94
CA LEU B 231 4.66 -2.47 3.54
C LEU B 231 4.87 -1.06 3.09
N VAL B 232 3.91 -0.58 2.31
CA VAL B 232 3.87 0.81 1.85
C VAL B 232 3.92 1.72 3.06
N LYS B 233 3.09 1.41 4.04
CA LYS B 233 3.02 2.20 5.25
C LYS B 233 4.37 2.21 5.88
N SER B 234 4.97 1.05 5.97
CA SER B 234 6.30 0.93 6.56
C SER B 234 7.39 1.50 5.63
N ARG B 235 7.24 1.32 4.32
CA ARG B 235 8.18 1.88 3.34
C ARG B 235 8.11 3.41 3.24
N LEU B 236 6.91 3.98 3.31
CA LEU B 236 6.78 5.43 3.27
C LEU B 236 7.32 6.08 4.52
N GLU B 237 7.10 5.45 5.65
CA GLU B 237 7.54 5.99 6.92
C GLU B 237 9.05 6.09 7.00
N HIS B 238 9.74 5.06 6.53
CA HIS B 238 11.20 5.04 6.65
C HIS B 238 11.82 6.06 5.71
N GLU B 239 11.14 6.28 4.59
CA GLU B 239 11.60 7.25 3.63
C GLU B 239 11.29 8.66 4.14
N LEU B 240 10.14 8.85 4.77
CA LEU B 240 9.76 10.14 5.32
C LEU B 240 10.59 10.52 6.52
N GLY B 241 10.97 9.52 7.32
CA GLY B 241 11.89 9.74 8.42
C GLY B 241 13.32 10.04 7.97
N ARG B 242 13.73 9.40 6.89
CA ARG B 242 15.02 9.72 6.29
C ARG B 242 15.04 11.16 5.81
N ILE B 243 13.92 11.60 5.26
CA ILE B 243 13.82 12.95 4.71
C ILE B 243 13.99 14.03 5.75
N ARG B 244 13.26 13.95 6.86
CA ARG B 244 13.36 14.98 7.86
C ARG B 244 14.73 15.03 8.54
N LYS B 245 15.41 13.89 8.62
CA LYS B 245 16.74 13.82 9.26
C LYS B 245 17.84 14.44 8.40
N THR B 246 17.85 14.15 7.11
CA THR B 246 18.88 14.70 6.24
C THR B 246 18.73 16.20 6.07
N ARG B 247 17.49 16.65 6.04
CA ARG B 247 17.19 18.07 5.90
C ARG B 247 17.52 18.80 7.18
N GLN B 248 17.25 18.18 8.32
CA GLN B 248 17.59 18.82 9.59
C GLN B 248 19.10 18.91 9.72
N LYS B 249 19.80 17.97 9.11
CA LYS B 249 21.24 18.06 9.08
C LYS B 249 21.65 18.94 7.89
N GLY B 250 20.67 19.33 7.10
CA GLY B 250 20.89 20.17 5.93
C GLY B 250 21.06 21.61 6.33
N LEU B 251 20.12 22.10 7.14
CA LEU B 251 20.22 23.43 7.73
C LEU B 251 21.08 23.42 8.97
N LEU B 252 21.88 22.36 9.12
CA LEU B 252 22.74 22.19 10.28
C LEU B 252 21.94 22.38 11.58
N GLU B 268 10.37 26.49 10.02
CA GLU B 268 9.40 25.40 10.16
C GLU B 268 9.58 24.46 8.98
N GLY B 269 10.07 23.24 9.25
CA GLY B 269 10.23 22.22 8.23
C GLY B 269 10.46 20.81 8.76
N TRP B 270 10.12 20.55 10.02
CA TRP B 270 10.35 19.23 10.60
C TRP B 270 9.05 18.50 10.71
N LEU B 271 8.91 17.44 9.92
CA LEU B 271 7.66 16.72 9.89
C LEU B 271 7.65 15.78 11.06
N GLY B 272 6.51 15.72 11.74
CA GLY B 272 6.32 14.84 12.87
C GLY B 272 6.63 15.45 14.21
N ALA B 273 6.74 14.59 15.22
CA ALA B 273 6.97 15.07 16.55
C ALA B 273 8.38 15.64 16.61
N VAL B 274 8.58 16.58 17.52
CA VAL B 274 9.85 17.27 17.63
C VAL B 274 10.89 16.34 18.22
N GLY B 275 10.46 15.52 19.17
CA GLY B 275 11.31 14.58 19.86
C GLY B 275 11.35 13.20 19.22
N SER B 276 10.68 13.05 18.08
CA SER B 276 10.53 11.74 17.50
C SER B 276 11.88 11.27 16.99
N LYS B 277 12.26 10.05 17.40
CA LYS B 277 13.56 9.50 17.04
C LYS B 277 13.46 8.81 15.70
N GLU B 278 12.42 7.98 15.54
CA GLU B 278 12.09 7.52 14.20
C GLU B 278 10.59 7.59 14.00
N PHE B 279 10.28 7.97 12.78
CA PHE B 279 8.97 8.43 12.33
C PHE B 279 7.92 7.35 12.19
N LYS B 280 6.72 7.66 12.65
CA LYS B 280 5.54 6.83 12.43
C LYS B 280 4.37 7.77 12.13
N PHE B 281 3.43 7.34 11.28
CA PHE B 281 2.31 8.20 10.89
C PHE B 281 1.44 8.54 12.08
N GLU B 282 1.43 7.65 13.04
CA GLU B 282 0.61 7.80 14.22
C GLU B 282 1.02 9.03 15.03
N GLU B 283 2.24 9.49 14.85
CA GLU B 283 2.68 10.64 15.63
C GLU B 283 2.15 11.93 15.06
N MET B 284 1.50 11.87 13.89
CA MET B 284 0.91 13.06 13.32
C MET B 284 -0.35 13.47 14.07
N MET B 285 -0.79 12.61 14.99
CA MET B 285 -1.93 12.87 15.85
C MET B 285 -1.73 14.07 16.73
N GLU B 286 -0.48 14.34 17.03
CA GLU B 286 -0.17 15.46 17.87
C GLU B 286 -0.45 16.77 17.14
N PHE B 287 -0.62 16.70 15.82
CA PHE B 287 -1.08 17.88 15.09
C PHE B 287 -2.52 17.63 14.66
N ASP B 288 -3.16 16.75 15.41
CA ASP B 288 -4.58 16.49 15.25
C ASP B 288 -4.94 16.15 13.79
N MET B 289 -4.02 15.49 13.09
CA MET B 289 -4.34 14.98 11.76
C MET B 289 -4.20 13.48 11.83
N GLU B 290 -5.17 12.77 11.24
CA GLU B 290 -5.19 11.31 11.19
C GLU B 290 -4.65 10.76 9.86
N VAL B 291 -3.59 9.95 9.89
CA VAL B 291 -3.05 9.36 8.65
C VAL B 291 -3.01 7.84 8.63
N GLU B 292 -3.65 7.22 7.62
CA GLU B 292 -3.71 5.76 7.51
C GLU B 292 -3.56 5.26 6.06
N VAL B 293 -2.78 4.19 5.88
CA VAL B 293 -2.51 3.62 4.56
C VAL B 293 -3.46 2.47 4.24
N MET B 294 -4.07 2.50 3.05
CA MET B 294 -5.08 1.51 2.67
C MET B 294 -4.95 1.08 1.21
N GLY B 295 -5.05 -0.21 0.96
CA GLY B 295 -4.97 -0.73 -0.40
C GLY B 295 -6.28 -0.73 -1.14
N GLY B 296 -6.19 -0.77 -2.46
CA GLY B 296 -7.37 -0.85 -3.31
C GLY B 296 -6.99 -0.77 -4.77
N ASN B 297 -7.98 -0.78 -5.65
CA ASN B 297 -7.74 -0.65 -7.09
C ASN B 297 -8.97 -0.11 -7.81
N VAL B 298 -8.81 0.58 -8.93
CA VAL B 298 -10.01 1.05 -9.63
C VAL B 298 -10.39 0.09 -10.77
N ILE B 299 -9.42 -0.51 -11.47
CA ILE B 299 -9.78 -1.55 -12.45
C ILE B 299 -9.11 -2.83 -12.10
N GLY B 300 -9.71 -3.92 -12.55
CA GLY B 300 -9.18 -5.25 -12.30
C GLY B 300 -9.73 -5.94 -11.07
N ASP B 301 -9.10 -7.04 -10.68
CA ASP B 301 -9.55 -7.86 -9.57
C ASP B 301 -8.76 -7.62 -8.28
N GLY B 302 -9.44 -7.17 -7.25
CA GLY B 302 -8.78 -6.97 -5.98
C GLY B 302 -9.70 -6.37 -4.96
N PRO B 303 -9.13 -5.74 -3.93
CA PRO B 303 -9.84 -5.18 -2.77
C PRO B 303 -10.95 -4.23 -3.15
N GLY B 304 -10.77 -3.52 -4.26
CA GLY B 304 -11.73 -2.52 -4.73
C GLY B 304 -11.52 -1.16 -4.10
N ALA B 305 -12.48 -0.26 -4.27
CA ALA B 305 -12.35 1.09 -3.72
C ALA B 305 -13.37 1.44 -2.64
N GLU B 306 -14.36 0.58 -2.42
CA GLU B 306 -15.42 0.84 -1.44
C GLU B 306 -14.79 0.94 -0.07
N ARG B 307 -13.68 0.24 0.10
CA ARG B 307 -12.89 0.31 1.31
C ARG B 307 -12.49 1.76 1.57
N TRP B 308 -12.01 2.42 0.53
CA TRP B 308 -11.61 3.80 0.62
C TRP B 308 -12.77 4.71 0.95
N TRP B 309 -13.83 4.61 0.16
CA TRP B 309 -14.95 5.54 0.25
C TRP B 309 -15.50 5.51 1.64
N ARG B 310 -15.55 4.32 2.21
CA ARG B 310 -16.11 4.12 3.52
C ARG B 310 -15.33 4.85 4.59
N TRP B 311 -14.01 4.77 4.50
CA TRP B 311 -13.13 5.45 5.44
C TRP B 311 -13.46 6.94 5.44
N ILE B 312 -13.66 7.48 4.26
CA ILE B 312 -14.00 8.88 4.05
C ILE B 312 -15.39 9.23 4.59
N GLY B 313 -16.42 8.49 4.17
CA GLY B 313 -17.78 8.78 4.57
C GLY B 313 -17.95 8.81 6.05
N GLU B 314 -17.11 8.09 6.75
CA GLU B 314 -17.07 8.15 8.18
C GLU B 314 -16.52 9.44 8.68
N ARG B 315 -15.75 10.12 7.82
CA ARG B 315 -15.08 11.31 8.27
C ARG B 315 -15.56 12.58 7.58
N ILE B 316 -16.72 12.51 6.93
CA ILE B 316 -17.30 13.66 6.25
C ILE B 316 -18.75 13.93 6.68
N THR C 17 12.30 17.63 -24.20
CA THR C 17 13.67 17.33 -24.62
C THR C 17 14.55 18.55 -24.36
N THR C 18 15.87 18.35 -24.39
CA THR C 18 16.79 19.43 -24.04
C THR C 18 17.98 19.49 -24.99
N LEU C 19 18.93 20.37 -24.67
CA LEU C 19 20.14 20.56 -25.45
C LEU C 19 20.90 19.25 -25.65
N PRO C 20 21.64 19.16 -26.75
CA PRO C 20 22.41 17.96 -27.09
C PRO C 20 23.47 17.61 -26.05
N SER C 21 23.85 16.33 -26.01
CA SER C 21 24.75 15.84 -24.98
C SER C 21 26.03 15.19 -25.51
N VAL C 22 27.10 15.29 -24.73
CA VAL C 22 28.40 14.71 -25.06
C VAL C 22 28.78 13.64 -24.06
N LEU C 23 29.04 12.43 -24.56
CA LEU C 23 29.44 11.33 -23.69
C LEU C 23 30.90 11.42 -23.27
N LEU C 24 31.14 11.54 -21.97
CA LEU C 24 32.49 11.59 -21.47
C LEU C 24 32.88 10.22 -20.95
N ILE C 25 33.78 9.55 -21.64
CA ILE C 25 34.19 8.22 -21.22
C ILE C 25 35.69 8.04 -21.18
N GLY C 26 36.10 7.00 -20.48
CA GLY C 26 37.50 6.69 -20.36
C GLY C 26 37.67 5.74 -19.21
N PRO C 27 38.88 5.20 -19.06
CA PRO C 27 39.17 4.24 -18.00
C PRO C 27 39.10 4.93 -16.65
N SER C 28 39.05 4.15 -15.57
CA SER C 28 39.05 4.73 -14.24
C SER C 28 40.30 5.59 -14.04
N GLY C 29 40.13 6.74 -13.40
CA GLY C 29 41.26 7.59 -13.02
C GLY C 29 41.77 8.53 -14.09
N ALA C 30 40.98 8.72 -15.15
CA ALA C 30 41.42 9.55 -16.28
C ALA C 30 41.31 11.03 -16.02
N GLY C 31 40.31 11.43 -15.23
CA GLY C 31 40.09 12.82 -14.93
C GLY C 31 38.77 13.23 -15.48
N LYS C 32 37.87 12.27 -15.55
CA LYS C 32 36.56 12.51 -16.15
C LYS C 32 35.75 13.39 -15.23
N THR C 33 35.57 12.89 -14.01
CA THR C 33 34.79 13.56 -13.00
C THR C 33 35.38 14.94 -12.78
N ALA C 34 36.69 15.04 -12.85
CA ALA C 34 37.37 16.32 -12.80
C ALA C 34 36.95 17.23 -13.95
N LEU C 35 36.98 16.71 -15.16
CA LEU C 35 36.71 17.54 -16.35
C LEU C 35 35.32 18.12 -16.31
N LEU C 36 34.38 17.38 -15.74
CA LEU C 36 33.00 17.83 -15.68
C LEU C 36 32.88 18.99 -14.73
N THR C 37 33.47 18.82 -13.55
CA THR C 37 33.45 19.82 -12.50
C THR C 37 33.98 21.12 -13.04
N LEU C 38 35.06 21.01 -13.79
CA LEU C 38 35.64 22.15 -14.48
C LEU C 38 34.72 22.69 -15.57
N PHE C 39 34.04 21.77 -16.26
CA PHE C 39 33.13 22.14 -17.36
C PHE C 39 31.98 23.03 -16.97
N GLU C 40 31.28 22.61 -15.94
CA GLU C 40 30.12 23.33 -15.42
C GLU C 40 30.47 24.65 -14.80
N ARG C 41 31.62 24.66 -14.14
CA ARG C 41 32.00 25.76 -13.28
C ARG C 41 32.57 26.98 -14.02
N GLY C 42 32.83 26.85 -15.31
CA GLY C 42 33.18 28.01 -16.11
C GLY C 42 34.59 28.55 -15.91
N THR C 95 18.56 3.39 -17.00
CA THR C 95 19.94 3.86 -17.10
C THR C 95 19.95 5.28 -17.68
N SER C 96 19.34 6.19 -16.92
CA SER C 96 19.31 7.61 -17.23
C SER C 96 20.47 8.34 -16.54
N TYR C 97 20.63 9.63 -16.83
CA TYR C 97 21.77 10.36 -16.29
C TYR C 97 21.40 11.60 -15.43
N LYS C 98 22.19 11.82 -14.38
CA LYS C 98 21.88 12.78 -13.30
C LYS C 98 22.68 14.09 -13.39
N VAL C 99 22.60 14.79 -14.52
CA VAL C 99 23.34 16.06 -14.68
C VAL C 99 22.57 17.25 -14.11
N ASP C 100 23.27 18.12 -13.39
CA ASP C 100 22.67 19.37 -12.96
C ASP C 100 22.74 20.35 -14.11
N LEU C 101 21.60 20.81 -14.60
CA LEU C 101 21.61 21.68 -15.75
C LEU C 101 22.00 23.09 -15.33
N ASP C 102 23.24 23.22 -14.88
CA ASP C 102 23.67 24.51 -14.37
C ASP C 102 24.00 25.45 -15.49
N ALA C 103 23.94 26.71 -15.15
CA ALA C 103 24.23 27.80 -16.06
C ALA C 103 25.62 27.71 -16.70
N ALA C 104 26.64 27.97 -15.91
CA ALA C 104 27.98 28.31 -16.41
C ALA C 104 28.57 27.31 -17.41
N GLY C 105 28.46 26.02 -17.15
CA GLY C 105 29.04 25.10 -18.10
C GLY C 105 28.22 24.78 -19.33
N ALA C 106 27.00 24.31 -19.10
CA ALA C 106 26.14 23.85 -20.17
C ALA C 106 25.75 24.97 -21.11
N THR C 107 25.22 26.03 -20.52
CA THR C 107 24.57 27.09 -21.27
C THR C 107 25.53 27.86 -22.15
N ALA C 108 26.77 27.97 -21.74
CA ALA C 108 27.67 28.82 -22.49
C ALA C 108 28.07 28.04 -23.71
N ARG C 109 28.23 26.75 -23.50
CA ARG C 109 28.70 25.86 -24.53
C ARG C 109 27.53 25.30 -25.35
N LYS C 110 26.31 25.58 -24.86
CA LYS C 110 25.03 25.08 -25.38
C LYS C 110 25.02 23.56 -25.55
N PHE C 111 25.75 22.87 -24.68
CA PHE C 111 25.62 21.42 -24.59
C PHE C 111 25.95 20.85 -23.22
N LEU C 112 25.58 19.59 -23.02
CA LEU C 112 25.81 18.89 -21.77
C LEU C 112 26.91 17.85 -21.85
N LEU C 113 27.74 17.77 -20.82
CA LEU C 113 28.77 16.75 -20.75
C LEU C 113 28.38 15.65 -19.76
N ILE C 114 28.20 14.44 -20.30
CA ILE C 114 27.67 13.33 -19.51
C ILE C 114 28.72 12.30 -19.11
N ASP C 115 28.96 12.19 -17.80
CA ASP C 115 29.98 11.32 -17.23
C ASP C 115 29.52 9.86 -17.14
N THR C 116 30.45 8.93 -17.29
CA THR C 116 30.14 7.50 -17.30
C THR C 116 30.93 6.72 -16.25
N PRO C 117 30.59 5.44 -16.07
CA PRO C 117 31.49 4.62 -15.26
C PRO C 117 32.71 4.14 -16.01
N GLY C 118 33.83 4.10 -15.30
CA GLY C 118 35.13 3.72 -15.81
C GLY C 118 35.41 2.23 -15.66
N HIS C 119 34.76 1.63 -14.67
CA HIS C 119 35.00 0.25 -14.29
C HIS C 119 34.76 -0.66 -15.48
N PRO C 120 35.65 -1.63 -15.69
CA PRO C 120 35.40 -2.62 -16.73
C PRO C 120 34.04 -3.28 -16.50
N LYS C 121 33.70 -3.49 -15.23
CA LYS C 121 32.43 -4.11 -14.87
C LYS C 121 31.23 -3.24 -15.25
N LEU C 122 31.43 -1.93 -15.35
CA LEU C 122 30.31 -1.00 -15.52
C LEU C 122 30.26 -0.30 -16.89
N ARG C 123 31.12 -0.72 -17.80
CA ARG C 123 31.23 -0.07 -19.10
C ARG C 123 30.08 -0.42 -20.01
N GLY C 124 29.48 -1.59 -19.82
CA GLY C 124 28.52 -2.13 -20.76
C GLY C 124 27.34 -1.26 -21.14
N THR C 125 26.58 -0.80 -20.14
CA THR C 125 25.42 0.04 -20.41
C THR C 125 25.87 1.29 -21.13
N THR C 126 27.07 1.73 -20.83
CA THR C 126 27.66 2.88 -21.47
C THR C 126 27.89 2.56 -22.95
N LEU C 127 28.43 1.38 -23.22
CA LEU C 127 28.71 1.00 -24.59
C LEU C 127 27.43 0.86 -25.40
N GLN C 128 26.37 0.43 -24.73
CA GLN C 128 25.07 0.20 -25.34
C GLN C 128 24.47 1.36 -26.14
N HIS C 129 24.58 2.56 -25.59
CA HIS C 129 23.94 3.74 -26.17
C HIS C 129 24.57 4.11 -27.51
N LEU C 130 25.82 3.71 -27.67
CA LEU C 130 26.60 4.02 -28.86
C LEU C 130 26.10 3.18 -30.00
N LEU C 131 25.39 2.11 -29.66
CA LEU C 131 24.76 1.25 -30.65
C LEU C 131 23.50 1.83 -31.27
N ASN C 132 22.66 2.47 -30.46
CA ASN C 132 21.39 2.99 -30.94
C ASN C 132 21.65 3.92 -32.11
N PRO C 133 21.01 3.65 -33.26
CA PRO C 133 21.19 4.45 -34.49
C PRO C 133 20.80 5.90 -34.31
N SER C 134 19.79 6.17 -33.50
CA SER C 134 19.49 7.56 -33.13
C SER C 134 19.34 7.62 -31.61
N PRO C 135 20.46 7.85 -30.90
CA PRO C 135 20.55 7.76 -29.45
C PRO C 135 19.94 8.94 -28.75
N SER C 136 19.12 8.67 -27.75
CA SER C 136 18.58 9.74 -26.95
C SER C 136 18.87 9.34 -25.54
N LEU C 137 19.28 10.31 -24.73
CA LEU C 137 19.68 10.04 -23.38
C LEU C 137 18.64 10.56 -22.42
N THR C 138 18.24 9.72 -21.48
CA THR C 138 17.23 10.10 -20.52
C THR C 138 17.92 10.78 -19.34
N ILE C 139 17.45 11.97 -18.98
CA ILE C 139 18.12 12.75 -17.95
C ILE C 139 17.23 13.12 -16.75
N ILE C 140 17.51 14.26 -16.13
CA ILE C 140 16.76 14.77 -14.99
C ILE C 140 16.23 16.19 -15.22
N SER C 155 11.95 14.61 -9.94
CA SER C 155 12.08 15.29 -11.22
C SER C 155 11.59 14.40 -12.35
N ASP C 156 11.14 15.04 -13.43
CA ASP C 156 10.65 14.33 -14.60
C ASP C 156 11.63 14.44 -15.77
N PRO C 157 11.97 13.30 -16.37
CA PRO C 157 13.02 13.15 -17.39
C PRO C 157 12.77 13.80 -18.74
N TYR C 158 13.85 14.31 -19.30
CA TYR C 158 13.88 14.86 -20.64
C TYR C 158 14.71 13.88 -21.45
N LYS C 159 14.90 14.15 -22.73
CA LYS C 159 15.75 13.27 -23.52
C LYS C 159 16.78 14.09 -24.29
N SER C 160 17.98 13.55 -24.43
CA SER C 160 19.08 14.28 -25.08
C SER C 160 19.79 13.50 -26.19
N LYS C 161 19.61 13.94 -27.43
CA LYS C 161 20.31 13.31 -28.53
C LYS C 161 21.80 13.48 -28.34
N LEU C 162 22.51 12.35 -28.35
CA LEU C 162 23.95 12.32 -28.26
C LEU C 162 24.57 12.63 -29.62
N LYS C 163 25.38 13.67 -29.71
CA LYS C 163 25.97 14.07 -30.98
C LYS C 163 27.49 13.94 -30.96
N ALA C 164 28.08 13.68 -29.80
CA ALA C 164 29.55 13.50 -29.70
C ALA C 164 30.04 12.59 -28.57
N VAL C 165 31.31 12.24 -28.62
CA VAL C 165 31.91 11.40 -27.58
C VAL C 165 33.34 11.82 -27.24
N ILE C 166 33.64 11.96 -25.96
CA ILE C 166 35.01 12.24 -25.54
C ILE C 166 35.64 11.09 -24.78
N PHE C 167 36.68 10.50 -25.36
CA PHE C 167 37.40 9.45 -24.68
C PHE C 167 38.54 10.09 -23.95
N LEU C 168 38.43 10.13 -22.62
CA LEU C 168 39.43 10.79 -21.80
C LEU C 168 40.43 9.77 -21.33
N LEU C 169 41.71 10.11 -21.43
CA LEU C 169 42.73 9.23 -20.91
C LEU C 169 43.86 9.98 -20.20
N ASP C 170 44.51 9.28 -19.28
CA ASP C 170 45.63 9.81 -18.54
C ASP C 170 46.89 9.63 -19.37
N ALA C 171 47.46 10.74 -19.83
CA ALA C 171 48.62 10.69 -20.70
C ALA C 171 49.88 10.39 -19.90
N ALA C 172 49.87 10.71 -18.61
CA ALA C 172 51.03 10.41 -17.78
C ALA C 172 51.13 8.93 -17.47
N ALA C 173 50.00 8.34 -17.12
CA ALA C 173 49.94 6.92 -16.81
C ALA C 173 50.33 6.12 -18.05
N LEU C 174 50.11 6.72 -19.20
CA LEU C 174 50.42 6.04 -20.45
C LEU C 174 51.93 5.82 -20.61
N ALA C 175 52.72 6.58 -19.85
CA ALA C 175 54.17 6.60 -20.00
C ALA C 175 54.86 5.35 -19.45
N ASP C 176 54.14 4.55 -18.69
CA ASP C 176 54.70 3.35 -18.04
C ASP C 176 55.11 2.28 -19.06
N SER C 177 56.28 1.69 -18.85
CA SER C 177 56.83 0.77 -19.83
C SER C 177 56.08 -0.57 -19.96
N ASP C 178 55.55 -1.11 -18.86
CA ASP C 178 54.87 -2.43 -18.89
C ASP C 178 53.67 -2.45 -19.83
N GLY C 179 53.03 -1.30 -20.01
CA GLY C 179 51.96 -1.18 -20.98
C GLY C 179 50.54 -1.53 -20.55
N ASP C 180 50.27 -1.61 -19.25
CA ASP C 180 48.97 -2.07 -18.81
C ASP C 180 47.89 -1.09 -19.20
N TYR C 181 48.13 0.18 -18.91
CA TYR C 181 47.11 1.20 -19.14
C TYR C 181 46.81 1.37 -20.62
N LEU C 182 47.86 1.40 -21.45
CA LEU C 182 47.67 1.52 -22.88
C LEU C 182 46.82 0.40 -23.40
N SER C 183 47.05 -0.79 -22.86
CA SER C 183 46.34 -1.98 -23.26
C SER C 183 44.93 -1.95 -22.70
N GLN C 184 44.79 -1.59 -21.42
CA GLN C 184 43.48 -1.50 -20.78
C GLN C 184 42.62 -0.42 -21.43
N THR C 185 43.24 0.70 -21.77
CA THR C 185 42.56 1.82 -22.42
C THR C 185 42.25 1.59 -23.90
N ALA C 186 43.18 0.99 -24.63
CA ALA C 186 42.97 0.75 -26.06
C ALA C 186 41.86 -0.27 -26.22
N SER C 187 41.71 -1.13 -25.22
CA SER C 187 40.65 -2.12 -25.21
C SER C 187 39.28 -1.47 -25.08
N TYR C 188 39.18 -0.53 -24.13
CA TYR C 188 37.96 0.24 -23.92
C TYR C 188 37.67 0.98 -25.19
N LEU C 189 38.70 1.63 -25.74
CA LEU C 189 38.59 2.42 -26.95
C LEU C 189 38.20 1.58 -28.17
N TYR C 190 38.65 0.34 -28.25
CA TYR C 190 38.31 -0.52 -29.39
C TYR C 190 36.82 -0.77 -29.46
N ASP C 191 36.27 -1.22 -28.35
CA ASP C 191 34.86 -1.54 -28.28
C ASP C 191 34.03 -0.28 -28.45
N VAL C 192 34.58 0.86 -28.07
CA VAL C 192 33.89 2.12 -28.30
C VAL C 192 33.76 2.44 -29.78
N LEU C 193 34.87 2.40 -30.47
CA LEU C 193 34.93 2.76 -31.88
C LEU C 193 34.23 1.72 -32.75
N LEU C 194 34.32 0.47 -32.33
CA LEU C 194 33.63 -0.62 -33.01
C LEU C 194 32.15 -0.50 -32.79
N SER C 195 31.77 0.02 -31.61
CA SER C 195 30.37 0.22 -31.29
C SER C 195 29.80 1.17 -32.31
N LEU C 196 30.53 2.25 -32.55
CA LEU C 196 30.10 3.20 -33.54
C LEU C 196 30.13 2.61 -34.93
N GLN C 197 31.08 1.72 -35.21
CA GLN C 197 31.23 1.14 -36.54
C GLN C 197 30.06 0.26 -36.95
N LYS C 198 29.57 -0.54 -36.02
CA LYS C 198 28.39 -1.35 -36.29
C LYS C 198 27.16 -0.47 -36.43
N ARG C 199 27.13 0.62 -35.67
CA ARG C 199 25.99 1.50 -35.66
C ARG C 199 25.78 2.10 -37.03
N PHE C 200 26.88 2.32 -37.73
CA PHE C 200 26.86 2.76 -39.10
C PHE C 200 26.29 1.65 -39.98
N HIS C 201 26.69 0.42 -39.64
CA HIS C 201 26.28 -0.79 -40.36
C HIS C 201 24.87 -1.30 -40.12
N SER C 202 23.92 -0.40 -39.84
CA SER C 202 22.52 -0.79 -39.70
C SER C 202 21.97 -1.09 -41.08
N ARG C 203 22.40 -2.22 -41.62
CA ARG C 203 22.16 -2.57 -43.03
C ARG C 203 20.73 -3.07 -43.28
N LYS C 204 19.83 -2.12 -43.54
CA LYS C 204 18.54 -2.45 -44.13
C LYS C 204 18.53 -1.76 -45.51
N ASN C 205 17.48 -1.00 -45.81
CA ASN C 205 17.56 0.04 -46.83
C ASN C 205 17.97 1.38 -46.20
N SER C 206 18.85 1.32 -45.22
CA SER C 206 19.08 2.44 -44.32
C SER C 206 19.96 3.52 -44.89
N ARG C 207 19.48 4.75 -44.81
CA ARG C 207 20.23 5.92 -45.18
C ARG C 207 21.30 6.10 -44.10
N ALA C 208 22.29 6.93 -44.36
CA ALA C 208 23.42 7.08 -43.46
C ALA C 208 23.07 7.76 -42.13
N PRO C 209 23.35 7.11 -40.99
CA PRO C 209 22.97 7.67 -39.69
C PRO C 209 23.82 8.87 -39.27
N SER C 210 23.25 9.74 -38.44
CA SER C 210 23.89 10.99 -38.05
C SER C 210 25.21 10.77 -37.34
N SER C 211 26.23 11.51 -37.77
CA SER C 211 27.59 11.34 -37.31
C SER C 211 27.84 11.72 -35.84
N ILE C 212 28.49 10.83 -35.10
CA ILE C 212 28.99 11.10 -33.75
C ILE C 212 30.50 10.97 -33.74
N PRO C 213 31.20 12.09 -33.93
CA PRO C 213 32.66 12.02 -33.95
C PRO C 213 33.21 11.76 -32.56
N VAL C 214 34.43 11.22 -32.49
CA VAL C 214 35.08 10.97 -31.22
C VAL C 214 36.29 11.87 -31.02
N LEU C 215 36.34 12.53 -29.88
CA LEU C 215 37.51 13.29 -29.49
C LEU C 215 38.24 12.54 -28.42
N ILE C 216 39.49 12.20 -28.68
CA ILE C 216 40.31 11.45 -27.74
C ILE C 216 41.11 12.40 -26.88
N ALA C 217 40.70 12.58 -25.64
CA ALA C 217 41.30 13.61 -24.83
C ALA C 217 42.42 13.05 -24.01
N ALA C 218 43.62 13.48 -24.36
CA ALA C 218 44.83 13.04 -23.70
C ALA C 218 45.07 13.90 -22.49
N ASN C 219 44.63 13.45 -21.34
CA ASN C 219 44.61 14.32 -20.16
C ASN C 219 45.92 14.41 -19.41
N LYS C 220 45.97 15.35 -18.47
CA LYS C 220 47.08 15.52 -17.56
C LYS C 220 48.35 15.95 -18.31
N GLN C 221 48.17 16.77 -19.33
CA GLN C 221 49.27 17.24 -20.19
C GLN C 221 50.12 18.30 -19.49
N ASP C 222 49.73 18.66 -18.26
CA ASP C 222 50.50 19.56 -17.44
C ASP C 222 51.69 18.85 -16.83
N LEU C 223 51.56 17.53 -16.70
CA LEU C 223 52.61 16.71 -16.11
C LEU C 223 53.77 16.51 -17.04
N PHE C 224 54.97 16.57 -16.48
CA PHE C 224 56.16 16.35 -17.27
C PHE C 224 56.22 14.94 -17.81
N THR C 225 55.63 13.99 -17.10
CA THR C 225 55.62 12.58 -17.52
C THR C 225 54.54 12.27 -18.56
N ALA C 226 53.69 13.26 -18.85
CA ALA C 226 52.60 13.09 -19.82
C ALA C 226 53.11 12.91 -21.24
N VAL C 227 52.57 11.91 -21.92
CA VAL C 227 52.84 11.67 -23.33
C VAL C 227 52.11 12.69 -24.22
N PRO C 228 52.85 13.39 -25.11
CA PRO C 228 52.24 14.35 -26.04
C PRO C 228 51.31 13.69 -27.03
N ALA C 229 50.36 14.43 -27.58
CA ALA C 229 49.24 13.83 -28.34
C ALA C 229 49.64 13.06 -29.62
N SER C 230 50.73 13.46 -30.26
CA SER C 230 51.18 12.78 -31.49
C SER C 230 51.72 11.40 -31.14
N LEU C 231 52.26 11.25 -29.94
CA LEU C 231 52.70 9.96 -29.46
C LEU C 231 51.51 9.12 -29.06
N VAL C 232 50.61 9.73 -28.30
CA VAL C 232 49.37 9.06 -27.88
C VAL C 232 48.61 8.53 -29.08
N LYS C 233 48.47 9.34 -30.13
CA LYS C 233 47.77 8.92 -31.34
C LYS C 233 48.37 7.68 -31.99
N SER C 234 49.69 7.69 -32.10
CA SER C 234 50.39 6.59 -32.74
C SER C 234 50.41 5.33 -31.90
N ARG C 235 50.56 5.50 -30.59
CA ARG C 235 50.57 4.37 -29.67
C ARG C 235 49.22 3.69 -29.61
N LEU C 236 48.15 4.48 -29.69
CA LEU C 236 46.80 3.93 -29.72
C LEU C 236 46.56 3.23 -31.04
N GLU C 237 47.05 3.82 -32.11
CA GLU C 237 46.84 3.24 -33.42
C GLU C 237 47.53 1.88 -33.48
N HIS C 238 48.74 1.79 -32.94
CA HIS C 238 49.51 0.56 -33.00
C HIS C 238 48.95 -0.54 -32.10
N GLU C 239 48.39 -0.14 -30.97
CA GLU C 239 47.78 -1.10 -30.07
C GLU C 239 46.39 -1.53 -30.55
N LEU C 240 45.62 -0.63 -31.12
CA LEU C 240 44.29 -1.03 -31.59
C LEU C 240 44.41 -2.00 -32.77
N GLY C 241 45.40 -1.80 -33.63
CA GLY C 241 45.62 -2.73 -34.72
C GLY C 241 46.15 -4.05 -34.18
N ARG C 242 47.01 -3.95 -33.17
CA ARG C 242 47.52 -5.12 -32.50
C ARG C 242 46.36 -5.87 -31.88
N ILE C 243 45.36 -5.14 -31.40
CA ILE C 243 44.18 -5.75 -30.82
C ILE C 243 43.34 -6.49 -31.86
N ARG C 244 43.04 -5.82 -32.97
CA ARG C 244 42.21 -6.43 -33.99
C ARG C 244 42.94 -7.59 -34.69
N LYS C 245 44.26 -7.56 -34.69
CA LYS C 245 45.06 -8.64 -35.27
C LYS C 245 44.98 -9.85 -34.35
N THR C 246 45.12 -9.61 -33.05
CA THR C 246 45.14 -10.66 -32.05
C THR C 246 43.77 -11.35 -32.00
N ARG C 247 42.72 -10.57 -32.19
CA ARG C 247 41.39 -11.14 -32.18
C ARG C 247 41.21 -11.92 -33.46
N GLN C 248 41.72 -11.35 -34.55
CA GLN C 248 41.58 -11.92 -35.88
C GLN C 248 42.35 -13.24 -36.01
N LYS C 249 42.57 -13.94 -34.90
CA LYS C 249 43.17 -15.26 -34.93
C LYS C 249 44.53 -15.33 -35.65
N GLY C 250 45.03 -14.18 -36.11
CA GLY C 250 46.33 -14.08 -36.78
C GLY C 250 47.54 -14.05 -35.85
N TRP C 270 36.21 -6.82 -35.74
CA TRP C 270 37.25 -6.16 -36.52
C TRP C 270 36.94 -4.70 -36.69
N LEU C 271 37.76 -3.88 -36.07
CA LEU C 271 37.62 -2.43 -36.13
C LEU C 271 38.30 -1.84 -37.35
N GLY C 272 37.61 -0.94 -38.03
CA GLY C 272 38.18 -0.24 -39.18
C GLY C 272 37.97 -0.80 -40.56
N ALA C 273 38.71 -0.24 -41.50
CA ALA C 273 38.57 -0.57 -42.90
C ALA C 273 39.03 -1.98 -43.21
N VAL C 274 38.44 -2.54 -44.26
CA VAL C 274 38.68 -3.92 -44.63
C VAL C 274 40.03 -4.18 -45.28
N GLY C 275 40.45 -3.26 -46.13
CA GLY C 275 41.69 -3.45 -46.86
C GLY C 275 42.88 -2.91 -46.11
N SER C 276 42.64 -2.47 -44.90
CA SER C 276 43.66 -1.77 -44.16
C SER C 276 44.73 -2.74 -43.65
N LYS C 277 45.97 -2.44 -43.98
CA LYS C 277 47.07 -3.29 -43.57
C LYS C 277 47.58 -2.83 -42.20
N GLU C 278 47.72 -1.52 -41.96
CA GLU C 278 47.91 -1.09 -40.58
C GLU C 278 47.05 0.13 -40.26
N PHE C 279 46.53 0.13 -39.04
CA PHE C 279 45.45 0.99 -38.59
C PHE C 279 45.85 2.45 -38.43
N LYS C 280 44.96 3.32 -38.89
CA LYS C 280 45.03 4.76 -38.71
C LYS C 280 43.62 5.20 -38.35
N PHE C 281 43.48 6.22 -37.53
CA PHE C 281 42.15 6.67 -37.16
C PHE C 281 41.45 7.24 -38.36
N GLU C 282 42.23 7.73 -39.32
CA GLU C 282 41.69 8.36 -40.53
C GLU C 282 40.83 7.40 -41.35
N GLU C 283 41.06 6.12 -41.19
CA GLU C 283 40.36 5.13 -41.99
C GLU C 283 38.95 4.99 -41.46
N MET C 284 38.70 5.60 -40.29
CA MET C 284 37.38 5.56 -39.69
C MET C 284 36.47 6.53 -40.41
N MET C 285 37.06 7.40 -41.21
CA MET C 285 36.29 8.30 -42.06
C MET C 285 35.47 7.51 -43.07
N GLU C 286 35.89 6.28 -43.35
CA GLU C 286 35.21 5.43 -44.29
C GLU C 286 33.81 5.12 -43.78
N PHE C 287 33.62 5.31 -42.48
CA PHE C 287 32.32 5.21 -41.84
C PHE C 287 31.79 6.55 -41.37
N ASP C 288 32.24 7.64 -41.99
CA ASP C 288 31.77 8.97 -41.64
C ASP C 288 31.92 9.22 -40.16
N MET C 289 32.96 8.68 -39.55
CA MET C 289 33.26 9.07 -38.19
C MET C 289 34.63 9.68 -38.12
N GLU C 290 34.69 10.84 -37.47
CA GLU C 290 35.93 11.56 -37.26
C GLU C 290 36.47 11.25 -35.89
N VAL C 291 37.72 10.81 -35.86
CA VAL C 291 38.42 10.56 -34.62
C VAL C 291 39.64 11.50 -34.55
N GLU C 292 39.77 12.24 -33.48
CA GLU C 292 40.85 13.21 -33.34
C GLU C 292 41.48 13.11 -31.98
N VAL C 293 42.81 13.09 -31.91
CA VAL C 293 43.48 13.07 -30.62
C VAL C 293 44.01 14.45 -30.29
N MET C 294 43.64 14.95 -29.12
CA MET C 294 44.01 16.28 -28.72
C MET C 294 44.33 16.29 -27.24
N GLY C 295 45.50 16.82 -26.90
CA GLY C 295 45.98 16.84 -25.54
C GLY C 295 45.50 18.01 -24.72
N GLY C 296 45.56 17.89 -23.41
CA GLY C 296 45.18 18.98 -22.57
C GLY C 296 45.24 18.59 -21.11
N ASN C 297 44.77 19.48 -20.25
CA ASN C 297 44.78 19.22 -18.83
C ASN C 297 43.65 19.93 -18.11
N VAL C 298 43.25 19.36 -16.98
CA VAL C 298 42.17 19.93 -16.19
C VAL C 298 42.74 20.80 -15.08
N ILE C 299 43.81 20.36 -14.43
CA ILE C 299 44.47 21.18 -13.40
C ILE C 299 45.96 21.37 -13.73
N GLY C 300 46.57 22.43 -13.23
CA GLY C 300 48.00 22.63 -13.45
C GLY C 300 48.35 23.46 -14.67
N ASP C 301 49.60 23.43 -15.10
CA ASP C 301 50.06 24.29 -16.21
C ASP C 301 50.11 23.61 -17.56
N GLY C 302 49.31 24.09 -18.51
CA GLY C 302 49.34 23.55 -19.85
C GLY C 302 48.27 24.11 -20.78
N PRO C 303 47.93 23.34 -21.82
CA PRO C 303 46.96 23.68 -22.87
C PRO C 303 45.58 24.06 -22.35
N GLY C 304 45.12 23.45 -21.26
CA GLY C 304 43.80 23.71 -20.75
C GLY C 304 42.75 22.86 -21.42
N ALA C 305 41.49 23.20 -21.22
CA ALA C 305 40.41 22.41 -21.78
C ALA C 305 39.65 23.16 -22.86
N GLU C 306 40.02 24.43 -23.08
CA GLU C 306 39.36 25.26 -24.07
C GLU C 306 39.53 24.67 -25.47
N ARG C 307 40.67 24.02 -25.70
CA ARG C 307 40.95 23.30 -26.95
C ARG C 307 39.90 22.22 -27.24
N TRP C 308 39.57 21.48 -26.20
CA TRP C 308 38.58 20.44 -26.26
C TRP C 308 37.18 21.00 -26.57
N TRP C 309 36.76 21.98 -25.79
CA TRP C 309 35.43 22.55 -25.91
C TRP C 309 35.20 23.08 -27.31
N ARG C 310 36.21 23.78 -27.79
CA ARG C 310 36.20 24.39 -29.12
C ARG C 310 36.15 23.34 -30.23
N TRP C 311 36.91 22.26 -30.06
CA TRP C 311 36.85 21.18 -31.03
C TRP C 311 35.45 20.62 -31.12
N ILE C 312 34.85 20.37 -29.97
CA ILE C 312 33.50 19.84 -29.91
C ILE C 312 32.46 20.81 -30.48
N GLY C 313 32.48 22.05 -29.99
CA GLY C 313 31.49 23.03 -30.38
C GLY C 313 31.35 23.27 -31.87
N GLU C 314 32.41 23.03 -32.62
CA GLU C 314 32.35 23.11 -34.07
C GLU C 314 31.50 21.97 -34.61
N ARG C 315 31.31 20.96 -33.78
CA ARG C 315 30.70 19.73 -34.22
C ARG C 315 29.34 19.47 -33.56
N ILE C 316 28.42 20.42 -33.73
CA ILE C 316 27.06 20.29 -33.21
C ILE C 316 25.99 20.60 -34.27
N LEU D 19 -13.88 -15.95 27.74
CA LEU D 19 -13.25 -15.70 29.04
C LEU D 19 -13.15 -14.20 29.32
N PRO D 20 -13.14 -13.79 30.62
CA PRO D 20 -13.17 -12.38 31.01
C PRO D 20 -11.98 -11.54 30.55
N SER D 21 -12.22 -10.24 30.40
CA SER D 21 -11.23 -9.35 29.79
C SER D 21 -10.76 -8.13 30.63
N VAL D 22 -9.53 -7.71 30.38
CA VAL D 22 -8.93 -6.56 31.05
C VAL D 22 -8.69 -5.39 30.11
N LEU D 23 -9.32 -4.27 30.42
CA LEU D 23 -9.22 -3.08 29.63
C LEU D 23 -7.88 -2.38 29.84
N LEU D 24 -7.08 -2.33 28.79
CA LEU D 24 -5.77 -1.70 28.84
C LEU D 24 -5.89 -0.29 28.26
N ILE D 25 -5.71 0.72 29.09
CA ILE D 25 -5.88 2.09 28.60
C ILE D 25 -4.71 2.98 28.99
N GLY D 26 -4.60 4.11 28.31
CA GLY D 26 -3.57 5.07 28.60
C GLY D 26 -3.39 6.07 27.49
N PRO D 27 -2.55 7.08 27.72
CA PRO D 27 -2.30 8.12 26.73
C PRO D 27 -1.53 7.57 25.53
N SER D 28 -1.50 8.29 24.42
CA SER D 28 -0.67 7.89 23.29
C SER D 28 0.79 7.82 23.72
N GLY D 29 1.51 6.81 23.22
CA GLY D 29 2.95 6.72 23.43
C GLY D 29 3.42 6.08 24.71
N ALA D 30 2.51 5.42 25.43
CA ALA D 30 2.83 4.76 26.70
C ALA D 30 3.43 3.36 26.55
N GLY D 31 3.08 2.66 25.47
CA GLY D 31 3.54 1.32 25.18
C GLY D 31 2.44 0.28 25.22
N LYS D 32 1.22 0.72 24.91
CA LYS D 32 0.05 -0.15 25.05
C LYS D 32 0.06 -1.25 24.02
N THR D 33 0.08 -0.83 22.76
CA THR D 33 0.16 -1.76 21.64
C THR D 33 1.42 -2.60 21.79
N ALA D 34 2.49 -1.99 22.28
CA ALA D 34 3.68 -2.75 22.64
C ALA D 34 3.36 -3.81 23.71
N LEU D 35 2.68 -3.43 24.79
CA LEU D 35 2.41 -4.38 25.87
C LEU D 35 1.58 -5.55 25.37
N LEU D 36 0.69 -5.27 24.44
CA LEU D 36 -0.19 -6.31 23.94
C LEU D 36 0.55 -7.37 23.16
N THR D 37 1.39 -6.94 22.21
CA THR D 37 2.13 -7.87 21.37
C THR D 37 2.95 -8.82 22.25
N LEU D 38 3.46 -8.28 23.35
CA LEU D 38 4.13 -9.06 24.37
C LEU D 38 3.22 -10.08 25.01
N PHE D 39 2.04 -9.59 25.35
CA PHE D 39 1.03 -10.42 25.96
C PHE D 39 0.64 -11.47 24.95
N GLU D 40 0.55 -11.07 23.69
CA GLU D 40 0.11 -11.95 22.62
C GLU D 40 1.03 -13.18 22.46
N ARG D 41 2.34 -12.95 22.43
CA ARG D 41 3.28 -14.05 22.27
C ARG D 41 3.63 -14.70 23.60
N THR D 95 -17.12 -0.04 18.71
CA THR D 95 -17.39 -0.44 20.08
C THR D 95 -17.13 -1.91 20.29
N SER D 96 -16.95 -2.63 19.19
CA SER D 96 -16.56 -4.03 19.31
C SER D 96 -15.04 -4.04 19.28
N TYR D 97 -14.45 -5.18 19.65
CA TYR D 97 -13.00 -5.25 19.74
C TYR D 97 -12.40 -6.37 18.90
N LYS D 98 -11.26 -6.08 18.29
CA LYS D 98 -10.72 -6.97 17.27
C LYS D 98 -9.51 -7.79 17.73
N VAL D 99 -9.61 -8.37 18.92
CA VAL D 99 -8.57 -9.28 19.37
C VAL D 99 -8.97 -10.69 18.90
N ASP D 100 -8.04 -11.43 18.31
CA ASP D 100 -8.28 -12.85 17.99
C ASP D 100 -8.10 -13.69 19.25
N LEU D 101 -9.13 -14.45 19.61
CA LEU D 101 -9.19 -15.10 20.91
C LEU D 101 -8.18 -16.22 21.15
N ASP D 102 -7.84 -17.00 20.14
CA ASP D 102 -6.98 -18.16 20.37
C ASP D 102 -5.51 -17.76 20.54
N ALA D 103 -5.21 -16.47 20.42
CA ALA D 103 -3.85 -15.94 20.56
C ALA D 103 -3.19 -16.39 21.86
N ALA D 104 -1.87 -16.58 21.80
CA ALA D 104 -1.13 -17.28 22.85
C ALA D 104 -1.33 -16.75 24.27
N GLY D 105 -1.42 -15.43 24.42
CA GLY D 105 -1.56 -14.86 25.75
C GLY D 105 -2.91 -15.09 26.41
N ALA D 106 -3.98 -14.88 25.64
CA ALA D 106 -5.32 -14.95 26.19
C ALA D 106 -5.62 -16.33 26.75
N THR D 107 -5.39 -17.35 25.94
CA THR D 107 -5.75 -18.73 26.27
C THR D 107 -4.98 -19.29 27.47
N ALA D 108 -3.76 -18.80 27.69
CA ALA D 108 -2.88 -19.37 28.70
C ALA D 108 -2.97 -18.54 29.97
N ARG D 109 -3.05 -17.23 29.82
CA ARG D 109 -3.17 -16.39 31.01
C ARG D 109 -4.65 -16.44 31.33
N LYS D 110 -5.41 -17.07 30.44
CA LYS D 110 -6.84 -17.31 30.59
C LYS D 110 -7.67 -16.07 30.96
N PHE D 111 -7.25 -14.92 30.40
CA PHE D 111 -8.08 -13.73 30.35
C PHE D 111 -7.73 -12.91 29.11
N LEU D 112 -8.55 -11.93 28.75
CA LEU D 112 -8.26 -11.14 27.54
C LEU D 112 -7.71 -9.78 27.87
N LEU D 113 -6.74 -9.35 27.08
CA LEU D 113 -6.17 -8.02 27.22
C LEU D 113 -6.64 -7.17 26.06
N ILE D 114 -7.37 -6.11 26.37
CA ILE D 114 -7.97 -5.28 25.34
C ILE D 114 -7.32 -3.91 25.18
N ASP D 115 -6.78 -3.69 23.98
CA ASP D 115 -6.09 -2.45 23.65
C ASP D 115 -7.10 -1.37 23.30
N THR D 116 -6.78 -0.12 23.61
CA THR D 116 -7.67 1.01 23.36
C THR D 116 -6.97 2.11 22.54
N PRO D 117 -7.74 3.10 22.05
CA PRO D 117 -7.09 4.26 21.46
C PRO D 117 -6.61 5.27 22.51
N GLY D 118 -5.49 5.92 22.25
CA GLY D 118 -4.90 6.83 23.21
C GLY D 118 -5.25 8.31 23.16
N HIS D 119 -5.47 8.84 21.98
CA HIS D 119 -5.68 10.27 21.83
C HIS D 119 -6.98 10.74 22.49
N PRO D 120 -6.99 11.96 23.05
CA PRO D 120 -8.18 12.53 23.71
C PRO D 120 -9.50 12.43 22.97
N LYS D 121 -9.55 12.58 21.64
CA LYS D 121 -10.82 12.48 20.92
C LYS D 121 -11.50 11.12 21.04
N LEU D 122 -10.72 10.08 21.34
CA LEU D 122 -11.23 8.71 21.25
C LEU D 122 -11.44 8.06 22.60
N ARG D 123 -11.26 8.82 23.67
CA ARG D 123 -11.28 8.27 24.99
C ARG D 123 -12.68 8.02 25.55
N GLY D 124 -13.66 8.79 25.10
CA GLY D 124 -15.00 8.75 25.67
C GLY D 124 -15.62 7.37 25.75
N THR D 125 -15.66 6.66 24.63
CA THR D 125 -16.24 5.32 24.57
C THR D 125 -15.56 4.35 25.53
N THR D 126 -14.26 4.56 25.74
CA THR D 126 -13.52 3.76 26.69
C THR D 126 -14.02 4.10 28.07
N LEU D 127 -14.22 5.39 28.29
CA LEU D 127 -14.74 5.89 29.52
C LEU D 127 -16.18 5.41 29.64
N GLN D 128 -16.85 5.38 28.49
CA GLN D 128 -18.25 5.04 28.40
C GLN D 128 -18.54 3.70 29.07
N HIS D 129 -17.63 2.74 28.93
CA HIS D 129 -17.83 1.42 29.49
C HIS D 129 -17.87 1.41 31.01
N LEU D 130 -17.14 2.36 31.62
CA LEU D 130 -16.98 2.39 33.07
C LEU D 130 -18.22 2.92 33.79
N LEU D 131 -19.10 3.60 33.08
CA LEU D 131 -20.34 4.08 33.69
C LEU D 131 -21.22 2.89 33.99
N ASN D 132 -21.25 1.97 33.03
CA ASN D 132 -22.12 0.82 33.11
C ASN D 132 -21.84 -0.03 34.35
N PRO D 133 -22.86 -0.25 35.17
CA PRO D 133 -22.71 -1.01 36.42
C PRO D 133 -22.27 -2.45 36.16
N SER D 134 -22.70 -3.02 35.05
CA SER D 134 -22.23 -4.35 34.67
C SER D 134 -21.74 -4.33 33.23
N PRO D 135 -20.43 -4.10 33.07
CA PRO D 135 -19.75 -3.84 31.80
C PRO D 135 -19.54 -5.09 30.96
N SER D 136 -19.86 -5.00 29.67
CA SER D 136 -19.56 -6.09 28.74
C SER D 136 -18.85 -5.58 27.50
N LEU D 137 -17.83 -6.30 27.07
CA LEU D 137 -17.03 -5.91 25.90
C LEU D 137 -17.24 -6.85 24.71
N THR D 138 -17.49 -6.29 23.53
CA THR D 138 -17.76 -7.06 22.32
C THR D 138 -16.51 -7.42 21.50
N ILE D 139 -16.32 -8.71 21.24
CA ILE D 139 -15.09 -9.21 20.61
C ILE D 139 -15.35 -9.89 19.24
N ILE D 140 -14.39 -9.75 18.31
CA ILE D 140 -14.49 -10.40 16.99
C ILE D 140 -13.26 -11.23 16.56
N PRO D 141 -13.37 -12.57 16.57
CA PRO D 141 -12.22 -13.42 16.25
C PRO D 141 -12.26 -14.13 14.88
N THR D 142 -13.44 -14.29 14.29
CA THR D 142 -13.57 -14.97 13.01
C THR D 142 -14.54 -14.28 12.08
N SER D 160 -17.19 -12.22 28.45
CA SER D 160 -16.57 -10.98 28.03
C SER D 160 -16.83 -9.85 29.04
N LYS D 161 -17.32 -10.23 30.21
CA LYS D 161 -17.52 -9.29 31.31
C LYS D 161 -16.21 -8.63 31.70
N LEU D 162 -16.19 -7.29 31.73
CA LEU D 162 -14.98 -6.54 32.06
C LEU D 162 -14.64 -6.65 33.54
N LYS D 163 -13.44 -7.11 33.83
CA LYS D 163 -13.06 -7.42 35.20
C LYS D 163 -11.93 -6.61 35.82
N ALA D 164 -11.17 -5.92 34.99
CA ALA D 164 -10.07 -5.13 35.50
C ALA D 164 -9.72 -4.04 34.50
N VAL D 165 -8.83 -3.16 34.90
CA VAL D 165 -8.39 -2.07 34.05
C VAL D 165 -6.89 -1.90 34.27
N ILE D 166 -6.13 -1.73 33.20
CA ILE D 166 -4.72 -1.40 33.33
C ILE D 166 -4.47 0.02 32.83
N PHE D 167 -4.08 0.92 33.72
CA PHE D 167 -3.71 2.24 33.26
C PHE D 167 -2.18 2.37 33.10
N LEU D 168 -1.72 2.37 31.86
CA LEU D 168 -0.29 2.38 31.53
C LEU D 168 0.24 3.80 31.27
N LEU D 169 1.42 4.10 31.77
CA LEU D 169 2.02 5.39 31.50
C LEU D 169 3.52 5.29 31.28
N ASP D 170 4.08 6.29 30.62
CA ASP D 170 5.51 6.40 30.42
C ASP D 170 6.15 7.01 31.63
N ALA D 171 6.99 6.24 32.32
CA ALA D 171 7.64 6.75 33.51
C ALA D 171 8.80 7.68 33.18
N ALA D 172 9.34 7.58 31.97
CA ALA D 172 10.42 8.48 31.54
C ALA D 172 9.91 9.87 31.15
N ALA D 173 8.84 9.90 30.36
CA ALA D 173 8.24 11.15 29.92
C ALA D 173 7.74 11.97 31.10
N LEU D 174 7.41 11.28 32.18
CA LEU D 174 6.88 11.88 33.39
C LEU D 174 7.89 12.80 34.07
N ALA D 175 9.17 12.57 33.80
CA ALA D 175 10.24 13.25 34.51
C ALA D 175 10.56 14.68 34.07
N ASP D 176 10.03 15.10 32.92
CA ASP D 176 10.36 16.45 32.42
C ASP D 176 9.88 17.53 33.38
N SER D 177 10.72 18.54 33.53
CA SER D 177 10.55 19.56 34.56
C SER D 177 9.28 20.39 34.40
N ASP D 178 8.89 20.65 33.14
CA ASP D 178 7.74 21.49 32.84
C ASP D 178 6.43 21.02 33.47
N GLY D 179 6.31 19.71 33.69
CA GLY D 179 5.19 19.11 34.40
C GLY D 179 3.98 18.75 33.53
N ASP D 180 4.16 18.81 32.21
CA ASP D 180 3.06 18.57 31.27
C ASP D 180 2.59 17.14 31.16
N TYR D 181 3.51 16.17 31.11
CA TYR D 181 3.13 14.76 30.96
C TYR D 181 2.33 14.30 32.16
N LEU D 182 2.75 14.73 33.34
CA LEU D 182 2.01 14.37 34.54
C LEU D 182 0.58 14.91 34.48
N SER D 183 0.43 16.14 34.02
CA SER D 183 -0.87 16.79 34.00
C SER D 183 -1.75 16.19 32.92
N GLN D 184 -1.16 15.90 31.75
CA GLN D 184 -1.91 15.27 30.67
C GLN D 184 -2.36 13.85 31.06
N THR D 185 -1.49 13.13 31.73
CA THR D 185 -1.78 11.75 32.14
C THR D 185 -2.82 11.64 33.25
N ALA D 186 -2.69 12.49 34.27
CA ALA D 186 -3.58 12.45 35.43
C ALA D 186 -5.01 12.81 35.08
N SER D 187 -5.18 13.61 34.04
CA SER D 187 -6.49 14.04 33.60
C SER D 187 -7.29 12.88 33.02
N TYR D 188 -6.65 12.09 32.17
CA TYR D 188 -7.25 10.91 31.61
C TYR D 188 -7.58 10.00 32.75
N LEU D 189 -6.60 9.87 33.65
CA LEU D 189 -6.65 9.01 34.80
C LEU D 189 -7.74 9.46 35.73
N TYR D 190 -7.94 10.77 35.82
CA TYR D 190 -8.97 11.37 36.66
C TYR D 190 -10.30 10.86 36.21
N ASP D 191 -10.53 10.99 34.93
CA ASP D 191 -11.77 10.62 34.30
C ASP D 191 -11.95 9.11 34.42
N VAL D 192 -10.86 8.38 34.48
CA VAL D 192 -10.95 6.94 34.66
C VAL D 192 -11.49 6.59 36.04
N LEU D 193 -10.85 7.10 37.08
CA LEU D 193 -11.17 6.73 38.45
C LEU D 193 -12.51 7.29 38.90
N LEU D 194 -12.86 8.45 38.37
CA LEU D 194 -14.12 9.06 38.71
C LEU D 194 -15.25 8.25 38.09
N SER D 195 -14.99 7.69 36.92
CA SER D 195 -15.96 6.85 36.20
C SER D 195 -16.32 5.56 36.92
N LEU D 196 -15.30 4.89 37.44
CA LEU D 196 -15.51 3.69 38.23
C LEU D 196 -16.26 4.00 39.50
N GLN D 197 -16.01 5.20 40.02
CA GLN D 197 -16.59 5.65 41.27
C GLN D 197 -18.10 5.81 41.17
N LYS D 198 -18.54 6.37 40.05
CA LYS D 198 -19.95 6.54 39.78
C LYS D 198 -20.60 5.19 39.56
N ARG D 199 -19.87 4.29 38.92
CA ARG D 199 -20.37 2.96 38.64
C ARG D 199 -20.62 2.25 39.97
N PHE D 200 -19.81 2.56 40.96
CA PHE D 200 -20.07 2.01 42.27
C PHE D 200 -21.35 2.56 42.89
N HIS D 201 -21.54 3.88 42.78
CA HIS D 201 -22.72 4.52 43.33
C HIS D 201 -23.94 4.12 42.54
N SER D 202 -23.74 3.96 41.23
CA SER D 202 -24.76 3.52 40.27
C SER D 202 -26.02 2.93 40.87
N ARG D 203 -26.11 1.61 40.88
CA ARG D 203 -27.32 0.92 41.33
C ARG D 203 -26.98 -0.27 42.22
N ALA D 208 -24.10 -4.11 45.36
CA ALA D 208 -22.71 -4.52 45.59
C ALA D 208 -22.09 -4.99 44.30
N PRO D 209 -21.63 -4.04 43.45
CA PRO D 209 -21.06 -4.36 42.13
C PRO D 209 -19.68 -4.97 42.21
N SER D 210 -19.32 -5.75 41.19
CA SER D 210 -18.03 -6.41 41.19
C SER D 210 -16.93 -5.37 41.15
N SER D 211 -15.93 -5.56 41.98
CA SER D 211 -14.83 -4.63 42.08
C SER D 211 -14.08 -4.66 40.77
N ILE D 212 -13.79 -3.49 40.22
CA ILE D 212 -12.92 -3.42 39.05
C ILE D 212 -11.64 -2.69 39.41
N PRO D 213 -10.60 -3.47 39.70
CA PRO D 213 -9.33 -2.89 40.09
C PRO D 213 -8.63 -2.24 38.93
N VAL D 214 -7.86 -1.22 39.25
CA VAL D 214 -7.03 -0.51 38.29
C VAL D 214 -5.56 -0.77 38.61
N LEU D 215 -4.84 -1.21 37.59
CA LEU D 215 -3.43 -1.41 37.75
C LEU D 215 -2.74 -0.25 37.11
N ILE D 216 -2.08 0.56 37.93
CA ILE D 216 -1.38 1.69 37.37
C ILE D 216 0.02 1.23 37.11
N ALA D 217 0.28 0.92 35.85
CA ALA D 217 1.55 0.35 35.42
C ALA D 217 2.48 1.44 34.89
N ALA D 218 3.55 1.70 35.63
CA ALA D 218 4.50 2.72 35.27
C ALA D 218 5.55 2.14 34.32
N ASN D 219 5.37 2.36 33.02
CA ASN D 219 6.17 1.65 32.04
C ASN D 219 7.52 2.28 31.83
N LYS D 220 8.40 1.54 31.14
CA LYS D 220 9.74 1.96 30.72
C LYS D 220 10.81 2.09 31.83
N GLN D 221 10.82 1.15 32.78
CA GLN D 221 11.77 1.19 33.90
C GLN D 221 13.18 0.78 33.51
N ASP D 222 13.32 0.35 32.26
CA ASP D 222 14.62 0.01 31.69
C ASP D 222 15.45 1.24 31.36
N LEU D 223 14.78 2.37 31.22
CA LEU D 223 15.43 3.67 31.01
C LEU D 223 15.95 4.23 32.33
N PHE D 224 17.15 4.81 32.33
CA PHE D 224 17.72 5.40 33.54
C PHE D 224 16.91 6.59 34.01
N THR D 225 16.25 7.27 33.08
CA THR D 225 15.45 8.45 33.38
C THR D 225 14.06 8.09 33.96
N ALA D 226 13.72 6.81 33.97
CA ALA D 226 12.42 6.40 34.49
C ALA D 226 12.29 6.70 35.98
N VAL D 227 11.20 7.36 36.32
CA VAL D 227 10.83 7.70 37.68
C VAL D 227 10.45 6.42 38.36
N PRO D 228 10.99 6.20 39.57
CA PRO D 228 10.63 4.95 40.24
C PRO D 228 9.15 5.00 40.55
N ALA D 229 8.52 3.84 40.62
CA ALA D 229 7.07 3.74 40.67
C ALA D 229 6.55 4.34 41.96
N SER D 230 7.36 4.31 43.00
CA SER D 230 6.95 4.84 44.28
C SER D 230 6.83 6.37 44.25
N LEU D 231 7.69 6.98 43.47
CA LEU D 231 7.66 8.41 43.26
C LEU D 231 6.49 8.70 42.33
N VAL D 232 6.34 7.87 41.31
CA VAL D 232 5.20 7.94 40.41
C VAL D 232 3.85 7.93 41.11
N LYS D 233 3.64 7.01 42.04
CA LYS D 233 2.37 6.90 42.73
C LYS D 233 2.06 8.22 43.37
N SER D 234 3.09 8.76 44.00
CA SER D 234 2.98 9.99 44.75
C SER D 234 2.79 11.20 43.82
N ARG D 235 3.42 11.19 42.65
CA ARG D 235 3.20 12.29 41.72
C ARG D 235 1.78 12.33 41.19
N LEU D 236 1.23 11.17 40.94
CA LEU D 236 -0.13 11.06 40.48
C LEU D 236 -1.07 11.44 41.59
N GLU D 237 -0.75 11.04 42.81
CA GLU D 237 -1.59 11.31 43.98
C GLU D 237 -1.72 12.80 44.20
N HIS D 238 -0.59 13.49 44.10
CA HIS D 238 -0.51 14.93 44.33
C HIS D 238 -1.15 15.71 43.22
N GLU D 239 -1.09 15.16 42.02
CA GLU D 239 -1.63 15.83 40.87
C GLU D 239 -3.13 15.68 40.82
N LEU D 240 -3.61 14.54 41.23
CA LEU D 240 -5.04 14.30 41.20
C LEU D 240 -5.78 15.12 42.24
N GLY D 241 -5.15 15.29 43.40
CA GLY D 241 -5.73 16.09 44.46
C GLY D 241 -5.74 17.54 44.08
N ARG D 242 -4.69 17.94 43.38
CA ARG D 242 -4.65 19.26 42.84
C ARG D 242 -5.79 19.47 41.86
N ILE D 243 -6.09 18.47 41.08
CA ILE D 243 -7.14 18.62 40.07
C ILE D 243 -8.50 18.84 40.71
N ARG D 244 -8.87 17.97 41.64
CA ARG D 244 -10.15 18.10 42.32
C ARG D 244 -10.21 19.32 43.23
N LYS D 245 -9.08 19.79 43.73
CA LYS D 245 -9.12 21.00 44.52
C LYS D 245 -9.47 22.17 43.66
N THR D 246 -8.81 22.23 42.51
CA THR D 246 -8.94 23.33 41.58
C THR D 246 -10.31 23.40 40.94
N ARG D 247 -10.90 22.24 40.67
CA ARG D 247 -12.25 22.20 40.11
C ARG D 247 -13.29 22.52 41.19
N GLN D 248 -13.10 22.02 42.40
CA GLN D 248 -14.05 22.26 43.49
C GLN D 248 -14.06 23.72 43.90
N LYS D 249 -12.92 24.38 43.68
CA LYS D 249 -12.80 25.82 43.93
C LYS D 249 -13.34 26.59 42.74
N GLY D 250 -13.89 25.86 41.77
CA GLY D 250 -14.47 26.50 40.62
C GLY D 250 -15.78 27.08 41.09
N LEU D 251 -16.67 26.22 41.59
CA LEU D 251 -17.90 26.66 42.21
C LEU D 251 -18.75 27.51 41.27
N TRP D 270 -15.52 15.75 41.99
CA TRP D 270 -14.64 15.45 43.11
C TRP D 270 -14.33 13.96 43.17
N LEU D 271 -13.06 13.66 42.93
CA LEU D 271 -12.51 12.32 42.94
C LEU D 271 -12.11 11.88 44.36
N GLY D 272 -12.42 10.66 44.73
CA GLY D 272 -12.04 10.19 46.03
C GLY D 272 -13.13 10.46 47.05
N ALA D 273 -12.77 10.31 48.31
CA ALA D 273 -13.69 10.48 49.43
C ALA D 273 -14.09 11.94 49.65
N VAL D 274 -15.23 12.13 50.29
CA VAL D 274 -15.77 13.46 50.62
C VAL D 274 -15.06 14.17 51.78
N GLY D 275 -14.62 13.41 52.77
CA GLY D 275 -13.98 14.03 53.92
C GLY D 275 -12.48 14.21 53.74
N SER D 276 -11.97 13.86 52.58
CA SER D 276 -10.52 13.87 52.36
C SER D 276 -9.90 15.24 52.15
N LYS D 277 -8.85 15.52 52.90
CA LYS D 277 -8.14 16.79 52.84
C LYS D 277 -6.99 16.75 51.85
N GLU D 278 -6.28 15.62 51.79
CA GLU D 278 -5.28 15.36 50.77
C GLU D 278 -5.38 13.93 50.20
N PHE D 279 -5.22 13.83 48.88
CA PHE D 279 -5.57 12.61 48.15
C PHE D 279 -4.62 11.43 48.34
N LYS D 280 -5.22 10.26 48.47
CA LYS D 280 -4.53 9.00 48.56
C LYS D 280 -5.28 7.98 47.72
N PHE D 281 -4.58 7.10 47.01
CA PHE D 281 -5.27 6.11 46.21
C PHE D 281 -6.02 5.14 47.12
N GLU D 282 -5.52 4.99 48.33
CA GLU D 282 -6.08 4.05 49.30
C GLU D 282 -7.51 4.42 49.75
N GLU D 283 -7.88 5.69 49.63
CA GLU D 283 -9.18 6.15 50.09
C GLU D 283 -10.30 5.68 49.15
N MET D 284 -9.89 5.05 48.06
CA MET D 284 -10.82 4.50 47.08
C MET D 284 -11.46 3.22 47.59
N MET D 285 -10.94 2.73 48.69
CA MET D 285 -11.49 1.56 49.33
C MET D 285 -12.91 1.83 49.78
N GLU D 286 -13.24 3.10 49.96
CA GLU D 286 -14.58 3.48 50.35
C GLU D 286 -15.54 3.19 49.22
N PHE D 287 -14.99 3.05 48.00
CA PHE D 287 -15.80 2.62 46.85
C PHE D 287 -15.42 1.24 46.33
N ASP D 288 -14.79 0.43 47.16
CA ASP D 288 -14.47 -0.95 46.81
C ASP D 288 -13.65 -1.02 45.51
N MET D 289 -12.79 -0.06 45.28
CA MET D 289 -11.83 -0.25 44.22
C MET D 289 -10.45 -0.11 44.79
N GLU D 290 -9.60 -1.10 44.52
CA GLU D 290 -8.22 -0.98 44.92
C GLU D 290 -7.45 -0.50 43.72
N VAL D 291 -6.79 0.63 43.87
CA VAL D 291 -6.01 1.17 42.80
C VAL D 291 -4.61 1.17 43.33
N GLU D 292 -3.71 0.55 42.57
CA GLU D 292 -2.34 0.28 42.96
C GLU D 292 -1.38 0.61 41.85
N VAL D 293 -0.24 1.20 42.18
CA VAL D 293 0.80 1.53 41.20
C VAL D 293 1.97 0.53 41.12
N MET D 294 2.30 0.08 39.93
CA MET D 294 3.37 -0.91 39.75
C MET D 294 4.25 -0.59 38.55
N GLY D 295 5.55 -0.65 38.74
CA GLY D 295 6.48 -0.34 37.67
C GLY D 295 6.74 -1.53 36.76
N GLY D 296 7.28 -1.27 35.59
CA GLY D 296 7.63 -2.35 34.71
C GLY D 296 8.19 -1.82 33.43
N ASN D 297 8.47 -2.72 32.51
CA ASN D 297 8.95 -2.41 31.18
C ASN D 297 8.54 -3.52 30.26
N VAL D 298 8.28 -3.19 29.01
CA VAL D 298 7.82 -4.20 28.10
C VAL D 298 9.00 -4.69 27.33
N ILE D 299 9.86 -3.77 26.94
CA ILE D 299 11.04 -4.15 26.22
C ILE D 299 12.27 -3.67 26.96
N GLY D 300 13.39 -4.35 26.72
CA GLY D 300 14.65 -3.93 27.29
C GLY D 300 14.88 -4.60 28.62
N ASP D 301 15.85 -4.07 29.37
CA ASP D 301 16.28 -4.66 30.64
C ASP D 301 15.68 -3.99 31.85
N GLY D 302 14.86 -4.72 32.60
CA GLY D 302 14.27 -4.21 33.82
C GLY D 302 13.29 -5.19 34.43
N PRO D 303 12.37 -4.68 35.27
CA PRO D 303 11.41 -5.49 36.04
C PRO D 303 10.60 -6.46 35.20
N GLY D 304 10.25 -6.08 33.98
CA GLY D 304 9.41 -6.91 33.14
C GLY D 304 7.92 -6.75 33.38
N ALA D 305 7.13 -7.65 32.81
CA ALA D 305 5.66 -7.56 32.90
C ALA D 305 4.99 -8.72 33.64
N GLU D 306 5.73 -9.70 34.10
CA GLU D 306 5.09 -10.83 34.76
C GLU D 306 4.39 -10.37 36.04
N ARG D 307 4.98 -9.38 36.71
CA ARG D 307 4.43 -8.76 37.92
C ARG D 307 3.04 -8.16 37.73
N TRP D 308 2.83 -7.51 36.59
CA TRP D 308 1.52 -6.93 36.29
C TRP D 308 0.50 -8.03 36.24
N TRP D 309 0.80 -9.01 35.39
CA TRP D 309 -0.06 -10.14 35.12
C TRP D 309 -0.40 -11.00 36.34
N ARG D 310 0.56 -11.27 37.20
CA ARG D 310 0.25 -12.08 38.37
C ARG D 310 -0.72 -11.32 39.26
N TRP D 311 -0.45 -10.03 39.40
CA TRP D 311 -1.30 -9.09 40.12
C TRP D 311 -2.69 -9.01 39.50
N ILE D 312 -2.74 -8.94 38.17
CA ILE D 312 -4.02 -8.91 37.47
C ILE D 312 -4.74 -10.21 37.71
N GLY D 313 -4.05 -11.30 37.39
CA GLY D 313 -4.55 -12.65 37.54
C GLY D 313 -4.94 -13.06 38.95
N GLU D 314 -4.38 -12.35 39.93
CA GLU D 314 -4.71 -12.56 41.32
C GLU D 314 -6.15 -12.13 41.61
N ARG D 315 -6.69 -11.30 40.73
CA ARG D 315 -8.00 -10.68 40.96
C ARG D 315 -9.09 -11.11 39.99
N ILE D 316 -8.73 -11.91 39.01
CA ILE D 316 -9.70 -12.41 38.05
C ILE D 316 -9.61 -13.93 37.89
#